data_2NQO
#
_entry.id   2NQO
#
_cell.length_a   54.354
_cell.length_b   105.206
_cell.length_c   91.060
_cell.angle_alpha   90.00
_cell.angle_beta   91.99
_cell.angle_gamma   90.00
#
_symmetry.space_group_name_H-M   'P 1 21 1'
#
loop_
_entity.id
_entity.type
_entity.pdbx_description
1 polymer Gamma-glutamyltranspeptidase
2 polymer Gamma-glutamyltranspeptidase
3 water water
#
loop_
_entity_poly.entity_id
_entity_poly.type
_entity_poly.pdbx_seq_one_letter_code
_entity_poly.pdbx_strand_id
1 'polypeptide(L)'
;MGSSHHHHHHSSGLVPRGSHMASASYPPIKNTKVGLALSSHPLASEIGQKVLEEGGNAIDAAVAIGFALAVVHPAAGNIG
GGGFAVIHLANGENVALDFREKAPLKATKNMFLDKQGNVVPKLSEDGYLAAGVPGTVAGMEAMLKKYGTKKLSQLIDPAI
KLAENGYAISQRQAETLKEARERFLKYSSSKKYFFKKGHLDYQEGDLFVQKDLAKTLNQIKTLGAKGFYQGQVAELIEKD
MKKNGGIITKEDLASYNVKWRKPVVGSYRGYKIISMSPPSSGGTHLIQILNVMENADLSALGYGASKNIHIAAEAMRQAY
ADRSVYMGDADFVSVPVDKLINKAYAKKIFDTIQPDTVTPSSQIKPGMGQLHEGSN
;
A,C
2 'polypeptide(L)'
;TTHYSVADRWGNAVSVTYTINASYGSAASIDGAGFLLNNEMDDFSIKPGNPNLYGLVGGDANAIEANKRPLSSMSPTIVL
KNNKVFLVVGSPGGSRIITTVLQVISNVIDYNMNISEAVSAPRFHMQWLPDELRIEKFGMPADVKDNLTKMGYQIVTKPV
MGDVNAIQVLPKTKGSVFYGSTDPRKEF
;
B,D
#
# COMPACT_ATOMS: atom_id res chain seq x y z
N TYR A 26 1.09 -3.30 -2.70
CA TYR A 26 2.54 -2.92 -2.73
C TYR A 26 3.12 -3.00 -4.13
N PRO A 27 2.88 -4.11 -4.84
CA PRO A 27 3.42 -4.26 -6.20
C PRO A 27 3.29 -2.99 -7.06
N PRO A 28 4.43 -2.44 -7.51
CA PRO A 28 4.45 -1.23 -8.34
C PRO A 28 3.79 -1.47 -9.70
N ILE A 29 3.37 -0.39 -10.35
CA ILE A 29 2.77 -0.51 -11.67
C ILE A 29 3.91 -1.04 -12.55
N LYS A 30 3.56 -1.72 -13.63
CA LYS A 30 4.59 -2.30 -14.48
C LYS A 30 4.30 -2.19 -15.98
N ASN A 31 5.36 -1.99 -16.75
CA ASN A 31 5.23 -1.88 -18.19
C ASN A 31 6.60 -2.14 -18.82
N THR A 32 6.61 -2.93 -19.88
CA THR A 32 7.86 -3.28 -20.54
C THR A 32 7.79 -2.97 -22.03
N LYS A 33 6.76 -2.23 -22.43
CA LYS A 33 6.57 -1.90 -23.84
C LYS A 33 6.72 -0.41 -24.15
N VAL A 34 5.68 0.37 -23.85
CA VAL A 34 5.69 1.81 -24.15
C VAL A 34 6.09 2.75 -23.01
N GLY A 35 6.29 2.22 -21.81
CA GLY A 35 6.66 3.08 -20.70
C GLY A 35 5.50 3.42 -19.79
N LEU A 36 5.66 4.43 -18.94
CA LEU A 36 4.63 4.82 -18.00
C LEU A 36 4.33 6.32 -17.98
N ALA A 37 3.07 6.66 -17.71
CA ALA A 37 2.60 8.03 -17.62
C ALA A 37 1.72 8.07 -16.36
N LEU A 38 2.28 8.59 -15.27
CA LEU A 38 1.57 8.65 -13.99
C LEU A 38 1.25 10.04 -13.47
N SER A 39 0.01 10.23 -13.03
CA SER A 39 -0.43 11.50 -12.48
C SER A 39 -1.30 11.16 -11.27
N SER A 40 -1.85 12.19 -10.62
CA SER A 40 -2.68 11.98 -9.45
C SER A 40 -4.14 11.73 -9.78
N HIS A 41 -4.49 11.65 -11.06
CA HIS A 41 -5.88 11.39 -11.44
C HIS A 41 -5.94 10.31 -12.51
N PRO A 42 -6.72 9.23 -12.26
CA PRO A 42 -6.91 8.09 -13.16
C PRO A 42 -7.19 8.46 -14.61
N LEU A 43 -8.15 9.35 -14.83
CA LEU A 43 -8.49 9.78 -16.18
C LEU A 43 -7.30 10.42 -16.90
N ALA A 44 -6.56 11.26 -16.19
CA ALA A 44 -5.40 11.94 -16.77
C ALA A 44 -4.26 10.97 -17.05
N SER A 45 -4.03 10.02 -16.14
CA SER A 45 -2.97 9.05 -16.31
C SER A 45 -3.30 8.16 -17.51
N GLU A 46 -4.55 7.71 -17.58
CA GLU A 46 -5.00 6.86 -18.68
C GLU A 46 -4.80 7.60 -19.99
N ILE A 47 -5.17 8.88 -20.02
CA ILE A 47 -5.01 9.70 -21.20
C ILE A 47 -3.56 9.73 -21.65
N GLY A 48 -2.65 9.91 -20.70
CA GLY A 48 -1.24 9.95 -21.02
C GLY A 48 -0.74 8.59 -21.48
N GLN A 49 -1.17 7.54 -20.79
CA GLN A 49 -0.77 6.18 -21.12
C GLN A 49 -1.19 5.85 -22.55
N LYS A 50 -2.44 6.20 -22.89
CA LYS A 50 -2.95 5.93 -24.22
C LYS A 50 -2.11 6.63 -25.29
N VAL A 51 -1.52 7.77 -24.95
CA VAL A 51 -0.69 8.49 -25.90
C VAL A 51 0.57 7.67 -26.14
N LEU A 52 1.05 7.01 -25.09
CA LEU A 52 2.24 6.18 -25.20
C LEU A 52 1.92 4.95 -26.03
N GLU A 53 0.74 4.39 -25.80
CA GLU A 53 0.30 3.20 -26.51
C GLU A 53 0.11 3.53 -27.99
N GLU A 54 -0.37 4.73 -28.28
CA GLU A 54 -0.61 5.16 -29.65
C GLU A 54 0.64 5.61 -30.40
N GLY A 55 1.79 5.60 -29.75
CA GLY A 55 3.02 5.99 -30.43
C GLY A 55 3.69 7.31 -30.08
N GLY A 56 3.07 8.12 -29.23
CA GLY A 56 3.70 9.39 -28.87
C GLY A 56 4.86 9.18 -27.92
N ASN A 57 5.70 10.20 -27.73
CA ASN A 57 6.82 10.08 -26.81
C ASN A 57 6.46 10.65 -25.43
N ALA A 58 7.43 10.69 -24.52
CA ALA A 58 7.18 11.18 -23.18
C ALA A 58 6.62 12.61 -23.15
N ILE A 59 7.11 13.45 -24.05
CA ILE A 59 6.64 14.84 -24.10
C ILE A 59 5.19 14.91 -24.56
N ASP A 60 4.85 14.20 -25.64
CA ASP A 60 3.47 14.18 -26.14
C ASP A 60 2.54 13.82 -25.00
N ALA A 61 2.89 12.76 -24.27
CA ALA A 61 2.09 12.28 -23.16
C ALA A 61 2.01 13.33 -22.05
N ALA A 62 3.14 13.97 -21.75
CA ALA A 62 3.17 14.98 -20.71
C ALA A 62 2.25 16.16 -21.02
N VAL A 63 2.24 16.57 -22.29
CA VAL A 63 1.39 17.68 -22.72
C VAL A 63 -0.07 17.27 -22.64
N ALA A 64 -0.35 16.03 -23.02
CA ALA A 64 -1.71 15.52 -22.98
C ALA A 64 -2.21 15.49 -21.54
N ILE A 65 -1.33 15.08 -20.62
CA ILE A 65 -1.67 15.01 -19.20
C ILE A 65 -1.88 16.41 -18.63
N GLY A 66 -1.02 17.34 -19.03
CA GLY A 66 -1.11 18.70 -18.55
C GLY A 66 -2.47 19.34 -18.76
N PHE A 67 -3.07 19.11 -19.92
CA PHE A 67 -4.36 19.68 -20.20
C PHE A 67 -5.48 18.86 -19.57
N ALA A 68 -5.31 17.54 -19.49
CA ALA A 68 -6.32 16.69 -18.88
C ALA A 68 -6.52 17.10 -17.42
N LEU A 69 -5.41 17.20 -16.68
CA LEU A 69 -5.46 17.59 -15.27
C LEU A 69 -6.09 18.97 -15.07
N ALA A 70 -5.98 19.84 -16.06
CA ALA A 70 -6.54 21.18 -15.96
C ALA A 70 -8.08 21.11 -15.98
N VAL A 71 -8.59 19.93 -16.31
CA VAL A 71 -10.03 19.70 -16.38
C VAL A 71 -10.52 18.84 -15.21
N VAL A 72 -9.90 17.67 -15.03
CA VAL A 72 -10.31 16.73 -13.99
C VAL A 72 -9.75 16.93 -12.59
N HIS A 73 -8.83 17.86 -12.41
CA HIS A 73 -8.21 18.10 -11.10
C HIS A 73 -7.98 19.60 -10.93
N PRO A 74 -9.07 20.39 -11.02
CA PRO A 74 -9.05 21.85 -10.91
C PRO A 74 -8.39 22.45 -9.65
N ALA A 75 -8.24 21.64 -8.61
CA ALA A 75 -7.63 22.12 -7.37
C ALA A 75 -6.14 22.37 -7.57
N ALA A 76 -5.54 21.67 -8.53
CA ALA A 76 -4.11 21.78 -8.79
C ALA A 76 -3.81 21.83 -10.31
N GLY A 77 -4.36 20.87 -11.05
CA GLY A 77 -4.18 20.83 -12.49
C GLY A 77 -4.70 22.16 -12.99
N ASN A 78 -4.13 22.72 -14.04
CA ASN A 78 -4.56 24.06 -14.45
C ASN A 78 -4.04 24.56 -15.78
N ILE A 79 -4.58 25.71 -16.19
CA ILE A 79 -4.13 26.45 -17.35
C ILE A 79 -4.00 27.89 -16.85
N GLY A 80 -4.43 28.11 -15.62
CA GLY A 80 -4.36 29.44 -15.02
C GLY A 80 -3.21 29.60 -14.05
N GLY A 81 -2.29 28.63 -14.03
CA GLY A 81 -1.14 28.70 -13.14
C GLY A 81 0.18 28.59 -13.88
N GLY A 82 1.11 27.81 -13.33
CA GLY A 82 2.41 27.64 -13.96
C GLY A 82 3.16 26.50 -13.30
N GLY A 83 4.38 26.23 -13.77
CA GLY A 83 5.15 25.15 -13.19
C GLY A 83 6.50 24.95 -13.86
N PHE A 84 7.08 23.77 -13.65
CA PHE A 84 8.40 23.44 -14.20
C PHE A 84 8.42 22.05 -14.83
N ALA A 85 9.35 21.84 -15.75
CA ALA A 85 9.50 20.54 -16.36
C ALA A 85 10.99 20.25 -16.52
N VAL A 86 11.42 19.12 -15.98
CA VAL A 86 12.81 18.68 -16.09
C VAL A 86 12.75 17.52 -17.06
N ILE A 87 13.56 17.59 -18.12
CA ILE A 87 13.52 16.57 -19.15
C ILE A 87 14.86 15.93 -19.50
N HIS A 88 14.85 14.61 -19.65
CA HIS A 88 16.04 13.87 -20.06
C HIS A 88 15.66 13.38 -21.45
N LEU A 89 16.42 13.80 -22.46
CA LEU A 89 16.13 13.41 -23.84
C LEU A 89 16.83 12.12 -24.23
N ALA A 90 16.24 11.42 -25.19
CA ALA A 90 16.79 10.17 -25.69
C ALA A 90 18.27 10.27 -26.04
N ASN A 91 18.71 11.47 -26.43
CA ASN A 91 20.10 11.67 -26.81
C ASN A 91 21.05 11.98 -25.65
N GLY A 92 20.54 11.89 -24.43
CA GLY A 92 21.38 12.14 -23.27
C GLY A 92 21.42 13.55 -22.73
N GLU A 93 20.70 14.47 -23.37
CA GLU A 93 20.69 15.86 -22.93
C GLU A 93 19.67 16.07 -21.80
N ASN A 94 19.99 16.91 -20.83
CA ASN A 94 19.10 17.21 -19.72
C ASN A 94 18.72 18.69 -19.72
N VAL A 95 17.45 18.97 -19.97
CA VAL A 95 16.96 20.35 -20.04
C VAL A 95 15.83 20.65 -19.04
N ALA A 96 15.69 21.92 -18.68
CA ALA A 96 14.66 22.35 -17.75
C ALA A 96 13.79 23.41 -18.40
N LEU A 97 12.48 23.29 -18.22
CA LEU A 97 11.54 24.27 -18.79
C LEU A 97 10.87 25.03 -17.67
N ASP A 98 11.08 26.35 -17.68
CA ASP A 98 10.49 27.24 -16.68
C ASP A 98 9.25 27.95 -17.21
N PHE A 99 8.07 27.49 -16.78
CA PHE A 99 6.83 28.15 -17.18
C PHE A 99 6.11 28.66 -15.93
N ARG A 100 6.89 29.18 -15.01
CA ARG A 100 6.41 29.74 -13.75
C ARG A 100 5.75 31.09 -14.04
N GLU A 101 4.76 31.47 -13.24
CA GLU A 101 4.07 32.75 -13.45
C GLU A 101 5.00 33.91 -13.19
N LYS A 102 4.70 35.04 -13.82
CA LYS A 102 5.47 36.27 -13.68
C LYS A 102 4.62 37.32 -12.99
N ALA A 103 5.24 38.16 -12.18
CA ALA A 103 4.50 39.21 -11.50
C ALA A 103 4.07 40.15 -12.63
N PRO A 104 2.85 40.69 -12.55
CA PRO A 104 2.37 41.60 -13.60
C PRO A 104 3.29 42.81 -13.82
N LEU A 105 3.12 43.47 -14.95
CA LEU A 105 3.93 44.64 -15.27
C LEU A 105 3.70 45.77 -14.27
N LYS A 106 2.50 45.78 -13.67
CA LYS A 106 2.13 46.82 -12.71
C LYS A 106 2.35 46.42 -11.25
N ALA A 107 2.91 45.23 -11.03
CA ALA A 107 3.16 44.74 -9.69
C ALA A 107 4.26 45.55 -9.00
N THR A 108 4.10 45.76 -7.69
CA THR A 108 5.08 46.52 -6.91
C THR A 108 5.49 45.80 -5.63
N LYS A 109 6.69 46.11 -5.14
CA LYS A 109 7.25 45.50 -3.94
C LYS A 109 6.30 45.41 -2.74
N ASN A 110 5.60 46.50 -2.44
CA ASN A 110 4.68 46.53 -1.31
C ASN A 110 3.24 46.67 -1.78
N MET A 111 2.86 45.86 -2.77
CA MET A 111 1.52 45.90 -3.32
C MET A 111 0.49 45.21 -2.43
N PHE A 112 0.96 44.41 -1.47
CA PHE A 112 0.06 43.69 -0.57
C PHE A 112 0.11 44.20 0.88
N LEU A 113 0.63 45.41 1.06
CA LEU A 113 0.72 46.00 2.39
C LEU A 113 -0.14 47.26 2.46
N ASP A 114 -0.68 47.55 3.64
CA ASP A 114 -1.51 48.74 3.82
C ASP A 114 -0.63 49.99 3.89
N LYS A 115 -1.25 51.13 4.19
CA LYS A 115 -0.51 52.38 4.29
C LYS A 115 0.23 52.49 5.62
N GLN A 116 0.78 51.37 6.06
CA GLN A 116 1.53 51.31 7.31
C GLN A 116 2.51 50.13 7.30
N GLY A 117 2.79 49.63 6.11
CA GLY A 117 3.72 48.52 5.96
C GLY A 117 3.22 47.20 6.50
N ASN A 118 1.94 47.14 6.87
CA ASN A 118 1.36 45.92 7.41
C ASN A 118 0.64 45.10 6.34
N VAL A 119 0.84 43.78 6.40
CA VAL A 119 0.22 42.86 5.46
C VAL A 119 -1.29 42.96 5.43
N VAL A 120 -1.84 43.21 4.23
CA VAL A 120 -3.29 43.30 4.05
C VAL A 120 -3.84 41.89 3.94
N PRO A 121 -4.57 41.43 4.97
CA PRO A 121 -5.17 40.10 5.04
C PRO A 121 -5.77 39.53 3.74
N LYS A 122 -5.29 38.35 3.38
CA LYS A 122 -5.75 37.62 2.19
C LYS A 122 -5.65 38.33 0.85
N LEU A 123 -4.94 39.46 0.78
CA LEU A 123 -4.81 40.16 -0.48
C LEU A 123 -3.90 39.38 -1.43
N SER A 124 -3.03 38.55 -0.86
CA SER A 124 -2.11 37.76 -1.66
C SER A 124 -2.55 36.28 -1.71
N GLU A 125 -3.72 35.99 -1.16
CA GLU A 125 -4.23 34.63 -1.14
C GLU A 125 -5.51 34.42 -1.95
N ASP A 126 -6.49 35.30 -1.77
CA ASP A 126 -7.76 35.19 -2.49
C ASP A 126 -7.99 36.40 -3.39
N GLY A 127 -8.56 36.17 -4.56
CA GLY A 127 -8.85 37.27 -5.47
C GLY A 127 -7.96 37.41 -6.70
N TYR A 128 -8.32 38.34 -7.56
CA TYR A 128 -7.61 38.60 -8.82
C TYR A 128 -6.21 39.21 -8.70
N LEU A 129 -5.97 39.97 -7.64
CA LEU A 129 -4.66 40.61 -7.47
C LEU A 129 -3.58 39.64 -7.00
N ALA A 130 -4.01 38.50 -6.44
CA ALA A 130 -3.07 37.50 -5.95
C ALA A 130 -2.51 36.64 -7.08
N ALA A 131 -2.87 36.95 -8.32
CA ALA A 131 -2.45 36.16 -9.47
C ALA A 131 -1.28 36.68 -10.29
N GLY A 132 -0.40 35.76 -10.68
CA GLY A 132 0.73 36.12 -11.52
C GLY A 132 0.33 35.72 -12.93
N VAL A 133 1.05 36.19 -13.94
CA VAL A 133 0.73 35.84 -15.33
C VAL A 133 0.88 34.33 -15.55
N PRO A 134 -0.20 33.65 -15.96
CA PRO A 134 -0.17 32.20 -16.21
C PRO A 134 0.79 31.77 -17.30
N GLY A 135 1.54 30.69 -17.06
CA GLY A 135 2.49 30.20 -18.03
C GLY A 135 2.28 28.76 -18.46
N THR A 136 1.41 28.03 -17.76
CA THR A 136 1.14 26.64 -18.10
C THR A 136 0.90 26.39 -19.60
N VAL A 137 -0.05 27.12 -20.19
CA VAL A 137 -0.35 26.94 -21.61
C VAL A 137 0.90 27.15 -22.47
N ALA A 138 1.66 28.20 -22.17
CA ALA A 138 2.87 28.48 -22.93
C ALA A 138 3.87 27.36 -22.72
N GLY A 139 3.90 26.82 -21.50
CA GLY A 139 4.81 25.73 -21.19
C GLY A 139 4.50 24.47 -21.97
N MET A 140 3.22 24.09 -22.00
CA MET A 140 2.81 22.90 -22.75
C MET A 140 3.18 23.02 -24.22
N GLU A 141 2.86 24.15 -24.84
CA GLU A 141 3.18 24.36 -26.24
C GLU A 141 4.68 24.43 -26.47
N ALA A 142 5.40 25.01 -25.51
CA ALA A 142 6.85 25.14 -25.62
C ALA A 142 7.55 23.79 -25.69
N MET A 143 7.25 22.90 -24.76
CA MET A 143 7.90 21.60 -24.77
C MET A 143 7.40 20.71 -25.91
N LEU A 144 6.17 20.94 -26.36
CA LEU A 144 5.62 20.14 -27.45
C LEU A 144 6.32 20.50 -28.77
N LYS A 145 6.37 21.79 -29.07
CA LYS A 145 6.99 22.26 -30.29
C LYS A 145 8.47 21.89 -30.42
N LYS A 146 9.16 21.84 -29.28
CA LYS A 146 10.58 21.54 -29.29
C LYS A 146 10.97 20.06 -29.19
N TYR A 147 10.16 19.27 -28.50
CA TYR A 147 10.49 17.85 -28.33
C TYR A 147 9.34 16.88 -28.61
N GLY A 148 8.16 17.41 -28.91
CA GLY A 148 7.03 16.55 -29.18
C GLY A 148 7.04 16.00 -30.59
N THR A 149 6.09 15.13 -30.90
CA THR A 149 6.01 14.54 -32.23
C THR A 149 4.58 14.59 -32.74
N LYS A 150 3.62 14.69 -31.82
CA LYS A 150 2.21 14.77 -32.20
C LYS A 150 1.74 16.21 -32.16
N LYS A 151 0.61 16.49 -32.81
CA LYS A 151 0.05 17.83 -32.85
C LYS A 151 -0.83 18.15 -31.65
N LEU A 152 -0.64 19.35 -31.10
CA LEU A 152 -1.40 19.82 -29.96
C LEU A 152 -2.87 19.51 -30.11
N SER A 153 -3.43 19.85 -31.27
CA SER A 153 -4.84 19.63 -31.54
C SER A 153 -5.31 18.23 -31.14
N GLN A 154 -4.45 17.24 -31.32
CA GLN A 154 -4.80 15.87 -30.98
C GLN A 154 -4.56 15.51 -29.51
N LEU A 155 -3.48 16.04 -28.94
CA LEU A 155 -3.15 15.78 -27.54
C LEU A 155 -4.08 16.49 -26.57
N ILE A 156 -4.84 17.47 -27.07
CA ILE A 156 -5.73 18.24 -26.23
C ILE A 156 -7.19 17.79 -26.35
N ASP A 157 -7.50 16.99 -27.37
CA ASP A 157 -8.87 16.53 -27.56
C ASP A 157 -9.49 15.80 -26.36
N PRO A 158 -8.72 14.91 -25.71
CA PRO A 158 -9.26 14.18 -24.54
C PRO A 158 -9.74 15.13 -23.44
N ALA A 159 -8.94 16.13 -23.11
CA ALA A 159 -9.29 17.10 -22.08
C ALA A 159 -10.54 17.86 -22.51
N ILE A 160 -10.59 18.24 -23.79
CA ILE A 160 -11.73 18.97 -24.31
C ILE A 160 -13.00 18.14 -24.15
N LYS A 161 -12.90 16.85 -24.43
CA LYS A 161 -14.03 15.95 -24.31
C LYS A 161 -14.48 15.89 -22.86
N LEU A 162 -13.52 15.80 -21.94
CA LEU A 162 -13.81 15.75 -20.51
C LEU A 162 -14.47 17.04 -20.03
N ALA A 163 -14.07 18.16 -20.63
CA ALA A 163 -14.63 19.45 -20.25
C ALA A 163 -16.04 19.59 -20.81
N GLU A 164 -16.23 19.10 -22.03
CA GLU A 164 -17.51 19.18 -22.73
C GLU A 164 -18.56 18.20 -22.18
N ASN A 165 -18.17 16.93 -22.04
CA ASN A 165 -19.09 15.91 -21.56
C ASN A 165 -19.05 15.67 -20.06
N GLY A 166 -18.05 16.23 -19.39
CA GLY A 166 -17.94 16.09 -17.95
C GLY A 166 -17.41 14.77 -17.42
N TYR A 167 -17.14 14.75 -16.13
CA TYR A 167 -16.62 13.57 -15.44
C TYR A 167 -17.18 13.51 -14.03
N ALA A 168 -17.10 12.35 -13.41
CA ALA A 168 -17.61 12.15 -12.06
C ALA A 168 -16.77 12.84 -11.00
N ILE A 169 -17.43 13.62 -10.13
CA ILE A 169 -16.76 14.29 -9.03
C ILE A 169 -16.39 13.18 -8.06
N SER A 170 -15.10 13.04 -7.76
CA SER A 170 -14.65 11.98 -6.87
C SER A 170 -14.90 12.30 -5.41
N GLN A 171 -14.67 11.30 -4.56
CA GLN A 171 -14.85 11.42 -3.13
C GLN A 171 -13.99 12.55 -2.58
N ARG A 172 -12.70 12.51 -2.90
CA ARG A 172 -11.77 13.54 -2.43
C ARG A 172 -12.10 14.93 -2.96
N GLN A 173 -12.62 15.02 -4.17
CA GLN A 173 -12.97 16.31 -4.76
C GLN A 173 -14.16 16.98 -4.08
N ALA A 174 -15.15 16.18 -3.72
CA ALA A 174 -16.34 16.71 -3.05
C ALA A 174 -15.86 17.39 -1.77
N GLU A 175 -14.83 16.81 -1.16
CA GLU A 175 -14.25 17.33 0.07
C GLU A 175 -13.52 18.65 -0.19
N THR A 176 -12.43 18.59 -0.94
CA THR A 176 -11.64 19.78 -1.25
C THR A 176 -12.51 20.91 -1.77
N LEU A 177 -13.46 20.58 -2.63
CA LEU A 177 -14.36 21.58 -3.17
C LEU A 177 -15.17 22.22 -2.05
N LYS A 178 -15.55 21.39 -1.07
CA LYS A 178 -16.33 21.88 0.06
C LYS A 178 -15.48 22.76 0.97
N GLU A 179 -14.22 22.38 1.15
CA GLU A 179 -13.31 23.13 1.99
C GLU A 179 -12.92 24.47 1.36
N ALA A 180 -13.24 24.63 0.07
CA ALA A 180 -12.92 25.85 -0.64
C ALA A 180 -14.18 26.67 -0.96
N ARG A 181 -15.33 26.13 -0.56
CA ARG A 181 -16.61 26.79 -0.79
C ARG A 181 -16.59 28.25 -0.37
N GLU A 182 -16.14 28.50 0.86
CA GLU A 182 -16.07 29.86 1.41
C GLU A 182 -15.35 30.81 0.48
N ARG A 183 -14.26 30.35 -0.12
CA ARG A 183 -13.48 31.17 -1.03
C ARG A 183 -14.19 31.41 -2.35
N PHE A 184 -14.74 30.35 -2.96
CA PHE A 184 -15.44 30.48 -4.23
C PHE A 184 -16.55 31.53 -4.15
N LEU A 185 -17.32 31.46 -3.07
CA LEU A 185 -18.45 32.36 -2.86
C LEU A 185 -18.13 33.85 -3.02
N LYS A 186 -16.89 34.23 -2.72
CA LYS A 186 -16.47 35.62 -2.82
C LYS A 186 -16.39 36.13 -4.27
N TYR A 187 -16.40 35.22 -5.23
CA TYR A 187 -16.30 35.62 -6.63
C TYR A 187 -17.37 35.01 -7.51
N SER A 188 -18.09 35.87 -8.22
CA SER A 188 -19.16 35.45 -9.12
C SER A 188 -18.69 34.44 -10.16
N SER A 189 -17.57 34.73 -10.81
CA SER A 189 -17.03 33.85 -11.83
C SER A 189 -16.95 32.41 -11.32
N SER A 190 -16.28 32.22 -10.19
CA SER A 190 -16.13 30.89 -9.61
C SER A 190 -17.46 30.31 -9.15
N LYS A 191 -18.33 31.16 -8.62
CA LYS A 191 -19.64 30.70 -8.14
C LYS A 191 -20.41 30.06 -9.29
N LYS A 192 -20.21 30.58 -10.50
CA LYS A 192 -20.89 30.06 -11.68
C LYS A 192 -20.30 28.75 -12.21
N TYR A 193 -18.99 28.59 -12.07
CA TYR A 193 -18.32 27.39 -12.58
C TYR A 193 -18.17 26.22 -11.60
N PHE A 194 -18.04 26.52 -10.31
CA PHE A 194 -17.83 25.46 -9.33
C PHE A 194 -18.99 25.14 -8.39
N PHE A 195 -20.19 25.55 -8.78
CA PHE A 195 -21.39 25.30 -7.99
C PHE A 195 -22.53 24.93 -8.92
N LYS A 196 -23.47 24.13 -8.40
CA LYS A 196 -24.64 23.76 -9.18
C LYS A 196 -25.64 24.90 -8.98
N LYS A 197 -26.77 24.85 -9.68
CA LYS A 197 -27.78 25.89 -9.55
C LYS A 197 -27.97 26.30 -8.09
N GLY A 198 -28.07 27.61 -7.86
CA GLY A 198 -28.25 28.10 -6.50
C GLY A 198 -26.98 28.01 -5.68
N HIS A 199 -25.83 28.02 -6.35
CA HIS A 199 -24.55 27.95 -5.67
C HIS A 199 -24.45 26.79 -4.68
N LEU A 200 -24.91 25.62 -5.10
CA LEU A 200 -24.87 24.43 -4.26
C LEU A 200 -23.60 23.64 -4.56
N ASP A 201 -22.94 23.15 -3.51
CA ASP A 201 -21.72 22.37 -3.70
C ASP A 201 -21.97 21.11 -4.52
N TYR A 202 -20.94 20.67 -5.23
CA TYR A 202 -21.03 19.46 -6.02
C TYR A 202 -20.83 18.31 -5.05
N GLN A 203 -21.52 17.20 -5.28
CA GLN A 203 -21.40 16.04 -4.40
C GLN A 203 -20.65 14.92 -5.09
N GLU A 204 -20.19 13.95 -4.31
CA GLU A 204 -19.48 12.82 -4.88
C GLU A 204 -20.39 12.18 -5.91
N GLY A 205 -19.86 11.89 -7.10
CA GLY A 205 -20.65 11.25 -8.13
C GLY A 205 -21.31 12.20 -9.10
N ASP A 206 -21.46 13.47 -8.73
CA ASP A 206 -22.09 14.44 -9.63
C ASP A 206 -21.30 14.55 -10.92
N LEU A 207 -22.00 14.83 -12.01
CA LEU A 207 -21.34 15.00 -13.30
C LEU A 207 -20.97 16.48 -13.44
N PHE A 208 -19.68 16.75 -13.48
CA PHE A 208 -19.17 18.11 -13.58
C PHE A 208 -18.80 18.47 -15.01
N VAL A 209 -19.57 19.37 -15.61
CA VAL A 209 -19.34 19.81 -16.98
C VAL A 209 -18.84 21.25 -16.95
N GLN A 210 -17.85 21.54 -17.79
CA GLN A 210 -17.26 22.87 -17.86
C GLN A 210 -17.22 23.36 -19.31
N LYS A 211 -18.34 23.93 -19.76
CA LYS A 211 -18.48 24.43 -21.12
C LYS A 211 -17.52 25.55 -21.50
N ASP A 212 -17.45 26.61 -20.69
CA ASP A 212 -16.56 27.72 -21.00
C ASP A 212 -15.10 27.27 -21.06
N LEU A 213 -14.70 26.37 -20.17
CA LEU A 213 -13.33 25.87 -20.18
C LEU A 213 -13.09 25.18 -21.52
N ALA A 214 -14.12 24.48 -22.01
CA ALA A 214 -14.03 23.78 -23.28
C ALA A 214 -13.74 24.80 -24.40
N LYS A 215 -14.46 25.91 -24.38
CA LYS A 215 -14.26 26.94 -25.41
C LYS A 215 -12.80 27.39 -25.41
N THR A 216 -12.28 27.69 -24.22
CA THR A 216 -10.90 28.14 -24.08
C THR A 216 -9.96 27.06 -24.61
N LEU A 217 -10.21 25.81 -24.25
CA LEU A 217 -9.37 24.72 -24.71
C LEU A 217 -9.44 24.62 -26.24
N ASN A 218 -10.63 24.80 -26.80
CA ASN A 218 -10.78 24.74 -28.25
C ASN A 218 -10.00 25.86 -28.93
N GLN A 219 -9.89 26.99 -28.25
CA GLN A 219 -9.14 28.14 -28.77
C GLN A 219 -7.67 27.75 -28.89
N ILE A 220 -7.18 27.07 -27.87
CA ILE A 220 -5.78 26.62 -27.84
C ILE A 220 -5.59 25.52 -28.88
N LYS A 221 -6.58 24.65 -28.98
CA LYS A 221 -6.54 23.55 -29.94
C LYS A 221 -6.41 24.10 -31.36
N THR A 222 -7.12 25.19 -31.63
CA THR A 222 -7.13 25.83 -32.94
C THR A 222 -5.98 26.80 -33.21
N LEU A 223 -5.84 27.79 -32.33
CA LEU A 223 -4.82 28.82 -32.46
C LEU A 223 -3.54 28.60 -31.66
N GLY A 224 -3.45 27.49 -30.93
CA GLY A 224 -2.26 27.23 -30.14
C GLY A 224 -2.20 28.13 -28.91
N ALA A 225 -1.00 28.38 -28.41
CA ALA A 225 -0.84 29.22 -27.22
C ALA A 225 -1.51 30.58 -27.40
N LYS A 226 -1.46 31.12 -28.62
CA LYS A 226 -2.07 32.41 -28.90
C LYS A 226 -3.57 32.41 -28.57
N GLY A 227 -4.17 31.22 -28.60
CA GLY A 227 -5.58 31.11 -28.28
C GLY A 227 -5.85 31.46 -26.82
N PHE A 228 -4.79 31.53 -26.03
CA PHE A 228 -4.90 31.85 -24.61
C PHE A 228 -4.38 33.25 -24.29
N TYR A 229 -3.19 33.56 -24.78
CA TYR A 229 -2.53 34.84 -24.54
C TYR A 229 -2.95 35.98 -25.47
N GLN A 230 -3.82 35.68 -26.43
CA GLN A 230 -4.30 36.68 -27.38
C GLN A 230 -5.77 36.47 -27.67
N GLY A 231 -6.31 37.26 -28.60
CA GLY A 231 -7.71 37.12 -28.97
C GLY A 231 -8.71 37.22 -27.83
N GLN A 232 -9.90 36.65 -28.05
CA GLN A 232 -10.98 36.67 -27.08
C GLN A 232 -10.56 36.31 -25.66
N VAL A 233 -9.86 35.19 -25.51
CA VAL A 233 -9.43 34.77 -24.18
C VAL A 233 -8.62 35.86 -23.48
N ALA A 234 -7.71 36.49 -24.22
CA ALA A 234 -6.90 37.55 -23.64
C ALA A 234 -7.83 38.72 -23.26
N GLU A 235 -8.84 38.94 -24.09
CA GLU A 235 -9.81 40.00 -23.86
C GLU A 235 -10.56 39.71 -22.55
N LEU A 236 -11.11 38.50 -22.44
CA LEU A 236 -11.84 38.12 -21.25
C LEU A 236 -10.99 38.31 -20.00
N ILE A 237 -9.74 37.86 -20.05
CA ILE A 237 -8.83 37.98 -18.91
C ILE A 237 -8.62 39.44 -18.48
N GLU A 238 -8.24 40.30 -19.43
CA GLU A 238 -8.00 41.70 -19.13
C GLU A 238 -9.21 42.43 -18.58
N LYS A 239 -10.33 42.30 -19.28
CA LYS A 239 -11.56 42.96 -18.86
C LYS A 239 -12.06 42.49 -17.50
N ASP A 240 -11.95 41.20 -17.23
CA ASP A 240 -12.42 40.67 -15.96
C ASP A 240 -11.45 41.11 -14.87
N MET A 241 -10.16 41.20 -15.20
CA MET A 241 -9.13 41.64 -14.26
C MET A 241 -9.37 43.09 -13.86
N LYS A 242 -9.51 43.94 -14.87
CA LYS A 242 -9.75 45.36 -14.65
C LYS A 242 -10.99 45.54 -13.78
N LYS A 243 -12.05 44.81 -14.15
CA LYS A 243 -13.32 44.86 -13.47
C LYS A 243 -13.26 44.39 -12.01
N ASN A 244 -12.25 43.62 -11.65
CA ASN A 244 -12.15 43.09 -10.29
C ASN A 244 -10.96 43.51 -9.44
N GLY A 245 -10.24 44.55 -9.85
CA GLY A 245 -9.10 45.00 -9.06
C GLY A 245 -7.82 44.24 -9.35
N GLY A 246 -7.79 43.49 -10.44
CA GLY A 246 -6.60 42.75 -10.82
C GLY A 246 -5.77 43.67 -11.67
N ILE A 247 -4.52 43.28 -11.96
CA ILE A 247 -3.66 44.13 -12.78
C ILE A 247 -3.11 43.46 -14.03
N ILE A 248 -3.49 42.21 -14.28
CA ILE A 248 -3.01 41.51 -15.47
C ILE A 248 -3.72 42.07 -16.70
N THR A 249 -2.93 42.39 -17.73
CA THR A 249 -3.48 42.96 -18.95
C THR A 249 -3.00 42.21 -20.20
N LYS A 250 -3.57 42.56 -21.35
CA LYS A 250 -3.20 41.92 -22.61
C LYS A 250 -1.71 42.08 -22.84
N GLU A 251 -1.15 43.17 -22.32
CA GLU A 251 0.26 43.45 -22.45
C GLU A 251 1.05 42.35 -21.73
N ASP A 252 0.59 41.98 -20.54
CA ASP A 252 1.22 40.95 -19.75
C ASP A 252 1.17 39.61 -20.49
N LEU A 253 -0.01 39.23 -20.93
CA LEU A 253 -0.21 37.96 -21.64
C LEU A 253 0.63 37.85 -22.90
N ALA A 254 0.62 38.90 -23.71
CA ALA A 254 1.39 38.90 -24.95
C ALA A 254 2.88 38.82 -24.66
N SER A 255 3.29 39.31 -23.50
CA SER A 255 4.70 39.30 -23.14
C SER A 255 5.14 38.09 -22.30
N TYR A 256 4.21 37.21 -21.93
CA TYR A 256 4.61 36.04 -21.15
C TYR A 256 5.52 35.17 -21.99
N ASN A 257 6.61 34.70 -21.39
CA ASN A 257 7.55 33.85 -22.10
C ASN A 257 8.09 32.75 -21.21
N VAL A 258 8.16 31.54 -21.74
CA VAL A 258 8.70 30.44 -20.96
C VAL A 258 10.20 30.66 -21.03
N LYS A 259 10.96 29.89 -20.25
CA LYS A 259 12.40 30.02 -20.28
C LYS A 259 13.06 28.67 -20.14
N TRP A 260 13.75 28.25 -21.20
CA TRP A 260 14.46 26.98 -21.16
C TRP A 260 15.71 27.28 -20.38
N ARG A 261 15.90 26.56 -19.28
CA ARG A 261 17.06 26.78 -18.43
C ARG A 261 17.83 25.48 -18.28
N LYS A 262 19.02 25.56 -17.71
CA LYS A 262 19.82 24.38 -17.49
C LYS A 262 19.38 23.85 -16.13
N PRO A 263 19.17 22.54 -16.02
CA PRO A 263 18.76 21.96 -14.74
C PRO A 263 19.92 22.05 -13.77
N VAL A 264 19.64 21.98 -12.47
CA VAL A 264 20.73 21.99 -11.51
C VAL A 264 21.12 20.52 -11.46
N VAL A 265 22.42 20.22 -11.51
CA VAL A 265 22.88 18.84 -11.51
C VAL A 265 23.75 18.49 -10.31
N GLY A 266 23.62 17.26 -9.84
CA GLY A 266 24.40 16.80 -8.72
C GLY A 266 24.62 15.30 -8.81
N SER A 267 25.26 14.72 -7.80
CA SER A 267 25.50 13.30 -7.79
C SER A 267 25.28 12.76 -6.38
N TYR A 268 24.81 11.52 -6.29
CA TYR A 268 24.58 10.90 -5.00
C TYR A 268 24.96 9.42 -5.06
N ARG A 269 26.06 9.08 -4.42
CA ARG A 269 26.53 7.71 -4.38
C ARG A 269 26.57 7.00 -5.74
N GLY A 270 27.00 7.72 -6.77
CA GLY A 270 27.10 7.12 -8.09
C GLY A 270 25.93 7.36 -9.01
N TYR A 271 24.93 8.09 -8.52
CA TYR A 271 23.75 8.42 -9.32
C TYR A 271 23.75 9.90 -9.66
N LYS A 272 23.28 10.24 -10.85
CA LYS A 272 23.24 11.63 -11.28
C LYS A 272 21.88 12.22 -10.94
N ILE A 273 21.88 13.35 -10.26
CA ILE A 273 20.65 14.03 -9.86
C ILE A 273 20.36 15.22 -10.77
N ILE A 274 19.21 15.18 -11.46
CA ILE A 274 18.83 16.28 -12.34
C ILE A 274 17.53 16.89 -11.79
N SER A 275 17.60 18.13 -11.30
CA SER A 275 16.41 18.77 -10.76
C SER A 275 16.25 20.21 -11.23
N MET A 276 15.17 20.85 -10.80
CA MET A 276 14.85 22.21 -11.22
C MET A 276 15.69 23.33 -10.60
N SER A 277 16.16 24.21 -11.48
CA SER A 277 16.99 25.35 -11.09
C SER A 277 16.09 26.56 -10.82
N PRO A 278 16.67 27.70 -10.38
CA PRO A 278 15.84 28.87 -10.11
C PRO A 278 15.01 29.19 -11.36
N PRO A 279 13.85 29.83 -11.20
CA PRO A 279 13.19 30.30 -9.97
C PRO A 279 12.74 29.29 -8.91
N SER A 280 13.13 28.03 -9.05
CA SER A 280 12.77 27.05 -8.02
C SER A 280 13.97 26.85 -7.10
N SER A 281 13.70 26.63 -5.81
CA SER A 281 14.76 26.40 -4.84
C SER A 281 14.90 24.91 -4.59
N GLY A 282 13.87 24.17 -4.97
CA GLY A 282 13.84 22.74 -4.75
C GLY A 282 15.03 21.93 -5.20
N GLY A 283 15.38 22.05 -6.48
CA GLY A 283 16.50 21.29 -7.02
C GLY A 283 17.80 21.59 -6.32
N THR A 284 18.03 22.86 -6.03
CA THR A 284 19.26 23.28 -5.37
C THR A 284 19.38 22.71 -3.97
N HIS A 285 18.34 22.87 -3.16
CA HIS A 285 18.40 22.36 -1.79
C HIS A 285 18.29 20.84 -1.72
N LEU A 286 17.66 20.23 -2.72
CA LEU A 286 17.57 18.77 -2.76
C LEU A 286 18.97 18.21 -2.89
N ILE A 287 19.74 18.79 -3.82
CA ILE A 287 21.10 18.33 -4.05
C ILE A 287 21.99 18.70 -2.86
N GLN A 288 21.71 19.85 -2.27
CA GLN A 288 22.49 20.30 -1.12
C GLN A 288 22.33 19.30 0.03
N ILE A 289 21.09 19.02 0.40
CA ILE A 289 20.81 18.09 1.49
C ILE A 289 21.37 16.72 1.19
N LEU A 290 21.20 16.26 -0.05
CA LEU A 290 21.72 14.95 -0.43
C LEU A 290 23.23 14.94 -0.28
N ASN A 291 23.89 16.04 -0.63
CA ASN A 291 25.34 16.13 -0.49
C ASN A 291 25.78 15.91 0.95
N VAL A 292 25.06 16.52 1.89
CA VAL A 292 25.40 16.38 3.30
C VAL A 292 25.23 14.93 3.77
N MET A 293 24.10 14.33 3.41
CA MET A 293 23.80 12.95 3.78
C MET A 293 24.81 11.96 3.18
N GLU A 294 25.38 12.30 2.03
CA GLU A 294 26.34 11.42 1.36
C GLU A 294 27.59 11.16 2.19
N ASN A 295 27.85 12.01 3.18
CA ASN A 295 29.01 11.86 4.03
C ASN A 295 28.83 10.76 5.08
N ALA A 296 27.65 10.17 5.12
CA ALA A 296 27.38 9.11 6.09
C ALA A 296 26.90 7.86 5.36
N ASP A 297 27.14 6.71 5.97
CA ASP A 297 26.71 5.43 5.40
C ASP A 297 25.35 5.10 5.99
N LEU A 298 24.32 5.77 5.47
CA LEU A 298 22.95 5.58 5.96
C LEU A 298 22.48 4.13 5.84
N SER A 299 22.93 3.45 4.78
CA SER A 299 22.53 2.06 4.55
C SER A 299 22.86 1.17 5.74
N ALA A 300 23.89 1.53 6.50
CA ALA A 300 24.32 0.76 7.65
C ALA A 300 23.23 0.55 8.72
N LEU A 301 22.56 1.62 9.10
CA LEU A 301 21.50 1.53 10.11
C LEU A 301 20.11 1.34 9.52
N GLY A 302 19.98 1.56 8.21
CA GLY A 302 18.71 1.36 7.53
C GLY A 302 17.67 2.44 7.74
N TYR A 303 16.55 2.27 7.04
CA TYR A 303 15.42 3.21 7.09
C TYR A 303 14.89 3.47 8.49
N GLY A 304 14.54 4.72 8.77
CA GLY A 304 13.95 5.09 10.04
C GLY A 304 14.78 5.15 11.30
N ALA A 305 16.09 4.99 11.18
CA ALA A 305 16.97 5.04 12.35
C ALA A 305 17.12 6.50 12.76
N SER A 306 17.01 6.78 14.05
CA SER A 306 17.13 8.15 14.54
C SER A 306 18.47 8.77 14.15
N LYS A 307 19.50 7.94 14.05
CA LYS A 307 20.84 8.40 13.67
C LYS A 307 20.83 8.98 12.25
N ASN A 308 20.12 8.30 11.36
CA ASN A 308 20.04 8.73 9.96
C ASN A 308 19.07 9.90 9.80
N ILE A 309 17.97 9.88 10.54
CA ILE A 309 16.99 10.95 10.49
C ILE A 309 17.64 12.25 10.99
N HIS A 310 18.47 12.12 12.03
CA HIS A 310 19.16 13.27 12.61
C HIS A 310 20.08 13.94 11.60
N ILE A 311 20.83 13.14 10.84
CA ILE A 311 21.74 13.67 9.83
C ILE A 311 20.96 14.42 8.74
N ALA A 312 19.89 13.80 8.25
CA ALA A 312 19.06 14.41 7.21
C ALA A 312 18.35 15.66 7.70
N ALA A 313 17.86 15.61 8.93
CA ALA A 313 17.14 16.74 9.52
C ALA A 313 18.05 17.95 9.73
N GLU A 314 19.29 17.70 10.13
CA GLU A 314 20.22 18.80 10.36
C GLU A 314 20.64 19.41 9.03
N ALA A 315 20.74 18.57 8.00
CA ALA A 315 21.09 19.03 6.67
C ALA A 315 19.94 19.91 6.19
N MET A 316 18.72 19.42 6.38
CA MET A 316 17.52 20.16 6.00
C MET A 316 17.47 21.51 6.70
N ARG A 317 17.76 21.48 8.01
CA ARG A 317 17.75 22.69 8.82
C ARG A 317 18.63 23.77 8.22
N GLN A 318 19.87 23.42 7.85
CA GLN A 318 20.78 24.39 7.27
C GLN A 318 20.32 24.84 5.89
N ALA A 319 19.84 23.91 5.08
CA ALA A 319 19.39 24.20 3.73
C ALA A 319 18.23 25.21 3.70
N TYR A 320 17.27 25.05 4.61
CA TYR A 320 16.12 25.94 4.66
C TYR A 320 16.52 27.31 5.19
N ALA A 321 17.58 27.35 5.99
CA ALA A 321 18.06 28.63 6.49
C ALA A 321 18.67 29.32 5.27
N ASP A 322 19.50 28.60 4.53
CA ASP A 322 20.13 29.14 3.33
C ASP A 322 19.07 29.66 2.34
N ARG A 323 17.98 28.92 2.21
CA ARG A 323 16.89 29.28 1.30
C ARG A 323 16.31 30.66 1.58
N SER A 324 16.10 30.95 2.85
CA SER A 324 15.51 32.22 3.28
C SER A 324 16.31 33.46 2.89
N VAL A 325 17.58 33.28 2.53
CA VAL A 325 18.41 34.42 2.18
C VAL A 325 18.98 34.45 0.77
N TYR A 326 19.39 33.30 0.24
CA TYR A 326 19.99 33.26 -1.08
C TYR A 326 19.11 32.92 -2.28
N MET A 327 17.89 32.44 -2.03
CA MET A 327 17.01 32.04 -3.12
C MET A 327 16.01 33.06 -3.69
N GLY A 328 15.99 33.16 -5.01
CA GLY A 328 15.09 34.07 -5.70
C GLY A 328 15.18 33.85 -7.20
N ASP A 329 14.48 34.67 -7.98
CA ASP A 329 14.53 34.55 -9.44
C ASP A 329 15.94 34.98 -9.87
N ALA A 330 16.71 34.04 -10.42
CA ALA A 330 18.07 34.33 -10.85
C ALA A 330 18.16 35.40 -11.94
N ASP A 331 17.05 35.67 -12.61
CA ASP A 331 17.04 36.67 -13.67
C ASP A 331 17.08 38.06 -13.04
N PHE A 332 16.66 38.15 -11.78
CA PHE A 332 16.63 39.43 -11.08
C PHE A 332 17.62 39.56 -9.92
N VAL A 333 18.08 38.45 -9.37
CA VAL A 333 19.03 38.50 -8.27
C VAL A 333 20.12 37.44 -8.43
N SER A 334 21.22 37.59 -7.69
CA SER A 334 22.30 36.61 -7.77
C SER A 334 22.03 35.46 -6.83
N VAL A 335 21.99 34.25 -7.36
CA VAL A 335 21.73 33.06 -6.58
C VAL A 335 22.96 32.17 -6.64
N PRO A 336 23.57 31.87 -5.48
CA PRO A 336 24.76 31.03 -5.39
C PRO A 336 24.51 29.54 -5.55
N VAL A 337 23.85 29.15 -6.63
CA VAL A 337 23.55 27.74 -6.90
C VAL A 337 24.80 26.86 -6.83
N ASP A 338 25.81 27.15 -7.64
CA ASP A 338 27.04 26.36 -7.67
C ASP A 338 27.68 26.19 -6.29
N LYS A 339 27.61 27.23 -5.46
CA LYS A 339 28.19 27.17 -4.13
C LYS A 339 27.37 26.29 -3.18
N LEU A 340 26.05 26.42 -3.25
CA LEU A 340 25.16 25.65 -2.40
C LEU A 340 25.20 24.16 -2.71
N ILE A 341 25.48 23.81 -3.96
CA ILE A 341 25.54 22.40 -4.32
C ILE A 341 26.97 21.84 -4.33
N ASN A 342 27.92 22.69 -3.93
CA ASN A 342 29.33 22.29 -3.86
C ASN A 342 29.47 21.29 -2.71
N LYS A 343 30.03 20.12 -2.99
CA LYS A 343 30.17 19.09 -1.96
C LYS A 343 31.06 19.48 -0.79
N ALA A 344 32.00 20.40 -1.00
CA ALA A 344 32.89 20.85 0.06
C ALA A 344 32.08 21.62 1.11
N TYR A 345 31.09 22.37 0.64
CA TYR A 345 30.23 23.14 1.53
C TYR A 345 29.37 22.17 2.34
N ALA A 346 28.90 21.12 1.69
CA ALA A 346 28.07 20.11 2.35
C ALA A 346 28.91 19.40 3.41
N LYS A 347 30.17 19.11 3.08
CA LYS A 347 31.08 18.46 4.01
C LYS A 347 31.30 19.33 5.24
N LYS A 348 31.31 20.65 5.04
CA LYS A 348 31.47 21.57 6.16
C LYS A 348 30.24 21.50 7.05
N ILE A 349 29.07 21.34 6.45
CA ILE A 349 27.83 21.25 7.20
C ILE A 349 27.79 19.94 8.00
N PHE A 350 28.11 18.84 7.33
CA PHE A 350 28.12 17.53 7.95
C PHE A 350 29.01 17.52 9.20
N ASP A 351 30.20 18.09 9.09
CA ASP A 351 31.13 18.12 10.21
C ASP A 351 30.61 18.87 11.44
N THR A 352 29.57 19.67 11.27
CA THR A 352 29.01 20.42 12.40
C THR A 352 27.94 19.60 13.12
N ILE A 353 27.47 18.55 12.46
CA ILE A 353 26.42 17.70 13.03
C ILE A 353 26.94 16.87 14.20
N GLN A 354 26.39 17.12 15.38
CA GLN A 354 26.78 16.38 16.59
C GLN A 354 26.01 15.06 16.66
N PRO A 355 26.69 13.99 17.08
CA PRO A 355 26.11 12.65 17.21
C PRO A 355 24.81 12.51 17.98
N ASP A 356 24.66 13.24 19.08
CA ASP A 356 23.44 13.12 19.88
C ASP A 356 22.79 14.43 20.30
N THR A 357 23.07 15.50 19.58
CA THR A 357 22.48 16.79 19.91
C THR A 357 22.24 17.57 18.62
N VAL A 358 21.27 18.47 18.66
CA VAL A 358 20.94 19.26 17.48
C VAL A 358 21.53 20.67 17.53
N THR A 359 21.44 21.37 16.42
CA THR A 359 21.90 22.76 16.34
C THR A 359 20.62 23.55 16.25
N PRO A 360 20.20 24.17 17.37
CA PRO A 360 18.97 24.96 17.38
C PRO A 360 18.90 25.86 16.14
N SER A 361 17.69 26.04 15.60
CA SER A 361 17.52 26.87 14.41
C SER A 361 17.94 28.31 14.68
N SER A 362 17.75 28.76 15.91
CA SER A 362 18.11 30.13 16.30
C SER A 362 19.61 30.38 16.20
N GLN A 363 20.39 29.30 16.25
CA GLN A 363 21.84 29.40 16.17
C GLN A 363 22.37 29.11 14.78
N ILE A 364 21.47 28.81 13.85
CA ILE A 364 21.87 28.52 12.48
C ILE A 364 22.17 29.83 11.75
N LYS A 365 23.19 29.78 10.89
CA LYS A 365 23.58 30.96 10.13
C LYS A 365 23.67 30.62 8.64
N PRO A 366 22.81 31.27 7.83
CA PRO A 366 22.76 31.07 6.38
C PRO A 366 24.15 31.14 5.76
N GLY A 367 24.49 30.14 4.96
CA GLY A 367 25.79 30.13 4.32
C GLY A 367 26.93 29.71 5.24
N MET A 368 26.65 29.61 6.54
CA MET A 368 27.68 29.21 7.51
C MET A 368 28.77 30.27 7.61
N GLY A 369 28.64 31.31 6.80
CA GLY A 369 29.65 32.36 6.78
C GLY A 369 30.51 32.15 5.55
N GLN A 370 30.48 30.91 5.05
CA GLN A 370 31.23 30.54 3.86
C GLN A 370 30.63 31.24 2.65
N LEU A 371 30.40 30.49 1.56
CA LEU A 371 29.84 31.06 0.34
C LEU A 371 30.60 32.31 -0.08
N HIS A 372 31.89 32.31 0.18
CA HIS A 372 32.77 33.44 -0.17
C HIS A 372 34.23 33.01 -0.06
N THR B 1 -0.99 22.10 -5.80
CA THR B 1 0.13 21.60 -6.63
C THR B 1 -0.04 20.11 -6.94
N THR B 2 0.45 19.70 -8.10
CA THR B 2 0.37 18.31 -8.51
C THR B 2 1.58 17.99 -9.38
N HIS B 3 1.99 16.73 -9.36
CA HIS B 3 3.15 16.30 -10.12
C HIS B 3 2.88 15.05 -10.94
N TYR B 4 3.44 15.00 -12.14
CA TYR B 4 3.31 13.80 -12.96
C TYR B 4 4.63 13.42 -13.59
N SER B 5 4.84 12.12 -13.78
CA SER B 5 6.07 11.61 -14.35
C SER B 5 5.79 10.77 -15.59
N VAL B 6 6.65 10.86 -16.60
CA VAL B 6 6.47 10.10 -17.83
C VAL B 6 7.81 9.61 -18.34
N ALA B 7 7.83 8.38 -18.87
CA ALA B 7 9.05 7.79 -19.43
C ALA B 7 8.61 6.87 -20.58
N ASP B 8 9.25 7.02 -21.74
CA ASP B 8 8.88 6.19 -22.89
C ASP B 8 9.93 5.14 -23.28
N ARG B 9 9.60 4.35 -24.29
CA ARG B 9 10.48 3.28 -24.77
C ARG B 9 11.77 3.79 -25.41
N TRP B 10 11.76 5.04 -25.87
CA TRP B 10 12.92 5.61 -26.54
C TRP B 10 13.99 6.17 -25.60
N GLY B 11 13.70 6.25 -24.31
CA GLY B 11 14.69 6.77 -23.38
C GLY B 11 14.38 8.17 -22.88
N ASN B 12 13.28 8.75 -23.35
CA ASN B 12 12.90 10.09 -22.91
C ASN B 12 12.21 10.00 -21.55
N ALA B 13 12.40 11.02 -20.73
CA ALA B 13 11.78 11.09 -19.42
C ALA B 13 11.40 12.53 -19.14
N VAL B 14 10.17 12.72 -18.66
CA VAL B 14 9.67 14.05 -18.35
C VAL B 14 9.08 14.06 -16.94
N SER B 15 9.54 15.00 -16.11
CA SER B 15 9.09 15.13 -14.74
C SER B 15 8.44 16.52 -14.62
N VAL B 16 7.13 16.55 -14.42
CA VAL B 16 6.42 17.83 -14.34
C VAL B 16 5.63 18.11 -13.07
N THR B 17 5.92 19.26 -12.47
CA THR B 17 5.20 19.69 -11.28
C THR B 17 4.61 21.06 -11.64
N TYR B 18 3.28 21.19 -11.59
CA TYR B 18 2.70 22.49 -11.86
C TYR B 18 1.58 22.77 -10.86
N THR B 19 1.11 24.01 -10.80
CA THR B 19 0.14 24.33 -9.75
C THR B 19 -0.48 25.70 -9.93
N ILE B 20 -1.43 26.03 -9.05
CA ILE B 20 -2.04 27.34 -9.02
C ILE B 20 -1.79 27.80 -7.59
N ASN B 21 -0.85 27.10 -6.95
CA ASN B 21 -0.39 27.30 -5.57
C ASN B 21 -1.29 26.60 -4.55
N ALA B 22 -2.21 27.34 -3.94
CA ALA B 22 -3.12 26.74 -2.96
C ALA B 22 -4.20 25.93 -3.65
N SER B 23 -5.00 25.21 -2.88
CA SER B 23 -6.08 24.41 -3.46
C SER B 23 -7.02 25.37 -4.16
N TYR B 24 -7.18 25.20 -5.47
CA TYR B 24 -8.04 26.05 -6.27
C TYR B 24 -7.48 27.46 -6.40
N GLY B 25 -6.17 27.57 -6.19
CA GLY B 25 -5.50 28.85 -6.31
C GLY B 25 -6.12 30.01 -5.55
N SER B 26 -6.34 31.11 -6.26
CA SER B 26 -6.92 32.32 -5.70
C SER B 26 -8.41 32.17 -5.48
N ALA B 27 -8.97 31.05 -5.92
CA ALA B 27 -10.39 30.78 -5.80
C ALA B 27 -11.22 31.65 -6.74
N ALA B 28 -10.54 32.51 -7.51
CA ALA B 28 -11.21 33.39 -8.45
C ALA B 28 -11.01 32.89 -9.89
N SER B 29 -12.08 32.91 -10.67
CA SER B 29 -12.01 32.44 -12.06
C SER B 29 -12.17 33.58 -13.06
N ILE B 30 -11.78 33.34 -14.30
CA ILE B 30 -11.91 34.34 -15.36
C ILE B 30 -13.25 34.11 -16.05
N ASP B 31 -14.18 35.03 -15.83
CA ASP B 31 -15.51 34.91 -16.41
C ASP B 31 -15.46 34.76 -17.92
N GLY B 32 -16.15 33.75 -18.44
CA GLY B 32 -16.16 33.51 -19.87
C GLY B 32 -15.10 32.54 -20.35
N ALA B 33 -14.04 32.36 -19.55
CA ALA B 33 -12.95 31.46 -19.90
C ALA B 33 -13.04 30.11 -19.17
N GLY B 34 -13.68 30.13 -18.00
CA GLY B 34 -13.84 28.90 -17.22
C GLY B 34 -12.68 28.33 -16.44
N PHE B 35 -11.59 29.08 -16.25
CA PHE B 35 -10.46 28.53 -15.49
C PHE B 35 -10.12 29.34 -14.24
N LEU B 36 -9.64 28.66 -13.21
CA LEU B 36 -9.27 29.30 -11.96
C LEU B 36 -7.94 30.06 -12.05
N LEU B 37 -7.87 31.20 -11.38
CA LEU B 37 -6.65 31.99 -11.35
C LEU B 37 -5.78 31.54 -10.19
N ASN B 38 -4.47 31.54 -10.41
CA ASN B 38 -3.52 31.14 -9.39
C ASN B 38 -3.37 32.26 -8.38
N ASN B 39 -2.78 31.94 -7.22
CA ASN B 39 -2.50 32.94 -6.21
C ASN B 39 -1.02 32.72 -5.89
N GLU B 40 -0.24 32.62 -6.97
CA GLU B 40 1.19 32.37 -6.89
C GLU B 40 1.98 33.51 -6.28
N MET B 41 1.40 34.70 -6.24
CA MET B 41 2.08 35.85 -5.68
C MET B 41 2.44 35.62 -4.21
N ASP B 42 1.68 34.78 -3.53
CA ASP B 42 1.95 34.50 -2.12
C ASP B 42 3.26 33.74 -1.93
N ASP B 43 3.86 33.28 -3.03
CA ASP B 43 5.12 32.57 -2.94
C ASP B 43 6.25 33.61 -2.89
N PHE B 44 5.88 34.87 -3.08
CA PHE B 44 6.82 35.98 -3.02
C PHE B 44 6.90 36.34 -1.54
N SER B 45 7.99 36.98 -1.15
CA SER B 45 8.09 37.43 0.23
C SER B 45 7.40 38.78 0.15
N ILE B 46 6.20 38.90 0.70
CA ILE B 46 5.48 40.18 0.64
C ILE B 46 5.90 41.12 1.75
N LYS B 47 6.75 40.64 2.64
CA LYS B 47 7.26 41.43 3.75
C LYS B 47 8.34 40.64 4.47
N PRO B 48 9.52 41.24 4.65
CA PRO B 48 10.66 40.59 5.31
C PRO B 48 10.28 39.82 6.59
N GLY B 49 10.79 38.61 6.72
CA GLY B 49 10.51 37.79 7.88
C GLY B 49 9.09 37.27 8.02
N ASN B 50 8.21 37.67 7.10
CA ASN B 50 6.82 37.24 7.13
C ASN B 50 6.64 35.84 6.51
N PRO B 51 6.20 34.87 7.32
CA PRO B 51 5.99 33.49 6.83
C PRO B 51 4.76 33.38 5.94
N ASN B 52 4.89 32.71 4.81
CA ASN B 52 3.76 32.55 3.89
C ASN B 52 2.91 31.34 4.26
N LEU B 53 2.07 30.91 3.33
CA LEU B 53 1.19 29.76 3.54
C LEU B 53 1.90 28.49 4.02
N TYR B 54 3.21 28.40 3.81
CA TYR B 54 3.96 27.21 4.21
C TYR B 54 5.01 27.45 5.29
N GLY B 55 5.01 28.64 5.87
CA GLY B 55 5.98 28.96 6.91
C GLY B 55 7.34 29.38 6.39
N LEU B 56 7.43 29.61 5.08
CA LEU B 56 8.68 30.02 4.47
C LEU B 56 8.85 31.54 4.61
N VAL B 57 10.08 31.96 4.87
CA VAL B 57 10.38 33.38 5.02
C VAL B 57 11.38 33.83 3.97
N GLY B 58 11.49 35.14 3.79
CA GLY B 58 12.42 35.66 2.80
C GLY B 58 12.80 37.11 3.03
N GLY B 59 13.82 37.57 2.30
CA GLY B 59 14.27 38.94 2.43
C GLY B 59 14.19 39.67 1.10
N ASP B 60 15.35 39.97 0.52
CA ASP B 60 15.38 40.69 -0.75
C ASP B 60 15.39 39.75 -1.95
N ALA B 61 16.08 38.62 -1.82
CA ALA B 61 16.17 37.66 -2.91
C ALA B 61 14.80 37.32 -3.49
N ASN B 62 13.80 37.20 -2.64
CA ASN B 62 12.47 36.85 -3.10
C ASN B 62 11.39 37.93 -2.90
N ALA B 63 11.76 39.20 -3.04
CA ALA B 63 10.80 40.29 -2.90
C ALA B 63 10.09 40.48 -4.23
N ILE B 64 8.99 41.22 -4.23
CA ILE B 64 8.20 41.45 -5.45
C ILE B 64 8.74 42.53 -6.39
N GLU B 65 8.80 42.19 -7.67
CA GLU B 65 9.25 43.08 -8.74
C GLU B 65 8.44 42.76 -9.98
N ALA B 66 8.19 43.77 -10.81
CA ALA B 66 7.45 43.55 -12.04
C ALA B 66 8.14 42.49 -12.89
N ASN B 67 7.34 41.54 -13.38
CA ASN B 67 7.80 40.45 -14.23
C ASN B 67 8.73 39.41 -13.60
N LYS B 68 8.96 39.54 -12.30
CA LYS B 68 9.82 38.60 -11.58
C LYS B 68 8.96 37.36 -11.28
N ARG B 69 9.60 36.19 -11.30
CA ARG B 69 8.90 34.93 -11.01
C ARG B 69 9.12 34.61 -9.53
N PRO B 70 8.03 34.35 -8.78
CA PRO B 70 8.16 34.04 -7.35
C PRO B 70 8.89 32.73 -7.05
N LEU B 71 9.68 32.72 -5.98
CA LEU B 71 10.44 31.53 -5.59
C LEU B 71 9.52 30.34 -5.38
N SER B 72 9.96 29.16 -5.80
CA SER B 72 9.17 27.95 -5.66
C SER B 72 9.96 26.85 -4.98
N SER B 73 9.25 25.85 -4.48
CA SER B 73 9.88 24.71 -3.82
C SER B 73 9.71 23.46 -4.67
N MET B 74 8.97 23.57 -5.77
CA MET B 74 8.73 22.43 -6.63
C MET B 74 10.05 21.79 -7.06
N SER B 75 10.12 20.47 -6.94
CA SER B 75 11.34 19.75 -7.26
C SER B 75 11.22 18.63 -8.26
N PRO B 76 10.70 18.91 -9.47
CA PRO B 76 10.59 17.84 -10.45
C PRO B 76 12.02 17.31 -10.65
N THR B 77 12.20 16.00 -10.52
CA THR B 77 13.53 15.43 -10.61
C THR B 77 13.65 14.13 -11.40
N ILE B 78 14.84 13.93 -11.95
CA ILE B 78 15.16 12.73 -12.72
C ILE B 78 16.51 12.24 -12.23
N VAL B 79 16.57 10.99 -11.80
CA VAL B 79 17.82 10.42 -11.33
C VAL B 79 18.33 9.49 -12.43
N LEU B 80 19.61 9.61 -12.76
CA LEU B 80 20.19 8.77 -13.80
C LEU B 80 21.26 7.82 -13.26
N LYS B 81 21.52 6.77 -14.02
CA LYS B 81 22.53 5.76 -13.67
C LYS B 81 23.15 5.33 -14.98
N ASN B 82 24.43 5.66 -15.18
CA ASN B 82 25.11 5.31 -16.41
C ASN B 82 24.41 6.07 -17.54
N ASN B 83 24.01 7.30 -17.23
CA ASN B 83 23.34 8.17 -18.18
C ASN B 83 22.01 7.63 -18.71
N LYS B 84 21.43 6.66 -18.01
CA LYS B 84 20.15 6.09 -18.40
C LYS B 84 19.13 6.42 -17.33
N VAL B 85 17.87 6.53 -17.72
CA VAL B 85 16.80 6.84 -16.77
C VAL B 85 16.72 5.78 -15.67
N PHE B 86 16.73 6.24 -14.42
CA PHE B 86 16.65 5.35 -13.26
C PHE B 86 15.41 5.68 -12.45
N LEU B 87 15.22 6.97 -12.17
CA LEU B 87 14.07 7.45 -11.40
C LEU B 87 13.55 8.76 -11.96
N VAL B 88 12.23 8.90 -11.96
CA VAL B 88 11.55 10.12 -12.40
C VAL B 88 10.66 10.39 -11.20
N VAL B 89 10.93 11.46 -10.47
CA VAL B 89 10.16 11.74 -9.26
C VAL B 89 9.85 13.20 -9.00
N GLY B 90 8.76 13.43 -8.28
CA GLY B 90 8.34 14.78 -7.94
C GLY B 90 7.16 14.72 -6.98
N SER B 91 6.74 15.87 -6.49
CA SER B 91 5.61 15.90 -5.56
C SER B 91 5.14 17.28 -5.21
N PRO B 92 3.88 17.39 -4.75
CA PRO B 92 3.32 18.68 -4.36
C PRO B 92 3.56 18.79 -2.85
N GLY B 93 3.16 19.91 -2.25
CA GLY B 93 3.33 20.05 -0.81
C GLY B 93 4.05 21.28 -0.30
N GLY B 94 3.97 22.38 -1.02
CA GLY B 94 4.64 23.60 -0.57
C GLY B 94 6.06 23.38 -0.12
N SER B 95 6.38 23.85 1.08
CA SER B 95 7.74 23.70 1.60
C SER B 95 8.20 22.25 1.76
N ARG B 96 7.26 21.33 2.03
CA ARG B 96 7.61 19.94 2.20
C ARG B 96 8.02 19.20 0.93
N ILE B 97 7.84 19.82 -0.23
CA ILE B 97 8.21 19.17 -1.49
C ILE B 97 9.66 18.69 -1.53
N ILE B 98 10.58 19.59 -1.18
CA ILE B 98 12.01 19.26 -1.22
C ILE B 98 12.35 18.04 -0.37
N THR B 99 11.85 18.02 0.86
CA THR B 99 12.12 16.92 1.76
C THR B 99 11.43 15.62 1.36
N THR B 100 10.23 15.73 0.80
CA THR B 100 9.50 14.55 0.36
C THR B 100 10.24 13.85 -0.79
N VAL B 101 10.60 14.62 -1.81
CA VAL B 101 11.30 14.07 -2.98
C VAL B 101 12.62 13.45 -2.56
N LEU B 102 13.34 14.18 -1.72
CA LEU B 102 14.64 13.77 -1.19
C LEU B 102 14.57 12.41 -0.47
N GLN B 103 13.52 12.20 0.33
CA GLN B 103 13.37 10.95 1.06
C GLN B 103 13.07 9.77 0.14
N VAL B 104 12.24 9.98 -0.88
CA VAL B 104 11.93 8.90 -1.81
C VAL B 104 13.21 8.44 -2.53
N ILE B 105 14.04 9.40 -2.92
CA ILE B 105 15.29 9.08 -3.61
C ILE B 105 16.24 8.34 -2.67
N SER B 106 16.38 8.85 -1.46
CA SER B 106 17.25 8.23 -0.47
C SER B 106 16.74 6.82 -0.16
N ASN B 107 15.42 6.65 -0.09
CA ASN B 107 14.85 5.34 0.21
C ASN B 107 15.28 4.31 -0.82
N VAL B 108 15.33 4.71 -2.08
CA VAL B 108 15.72 3.80 -3.15
C VAL B 108 17.22 3.51 -3.15
N ILE B 109 18.02 4.58 -3.12
CA ILE B 109 19.47 4.47 -3.16
C ILE B 109 20.15 4.01 -1.88
N ASP B 110 19.70 4.53 -0.75
CA ASP B 110 20.30 4.16 0.52
C ASP B 110 19.76 2.87 1.14
N TYR B 111 18.44 2.69 1.08
CA TYR B 111 17.82 1.51 1.69
C TYR B 111 17.34 0.44 0.72
N ASN B 112 17.66 0.63 -0.55
CA ASN B 112 17.29 -0.30 -1.62
C ASN B 112 15.83 -0.71 -1.64
N MET B 113 14.94 0.27 -1.48
CA MET B 113 13.51 0.00 -1.53
C MET B 113 13.08 0.10 -3.00
N ASN B 114 12.05 -0.64 -3.39
CA ASN B 114 11.58 -0.51 -4.75
C ASN B 114 10.78 0.80 -4.74
N ILE B 115 10.43 1.33 -5.90
CA ILE B 115 9.73 2.60 -5.96
C ILE B 115 8.42 2.63 -5.16
N SER B 116 7.72 1.50 -5.08
CA SER B 116 6.47 1.44 -4.33
C SER B 116 6.74 1.62 -2.84
N GLU B 117 7.72 0.89 -2.32
CA GLU B 117 8.09 0.96 -0.91
C GLU B 117 8.62 2.35 -0.59
N ALA B 118 9.46 2.86 -1.48
CA ALA B 118 10.07 4.18 -1.32
C ALA B 118 9.01 5.25 -1.16
N VAL B 119 7.94 5.16 -1.94
CA VAL B 119 6.86 6.13 -1.89
C VAL B 119 5.97 5.97 -0.67
N SER B 120 5.64 4.72 -0.34
CA SER B 120 4.77 4.42 0.79
C SER B 120 5.39 4.77 2.15
N ALA B 121 6.70 4.62 2.24
CA ALA B 121 7.42 4.87 3.50
C ALA B 121 7.07 6.19 4.19
N PRO B 122 6.90 6.15 5.52
CA PRO B 122 6.58 7.35 6.29
C PRO B 122 7.64 8.42 6.07
N ARG B 123 7.23 9.68 6.12
CA ARG B 123 8.15 10.79 5.88
C ARG B 123 8.20 11.75 7.07
N PHE B 124 9.36 12.38 7.23
CA PHE B 124 9.54 13.36 8.29
C PHE B 124 9.92 14.66 7.58
N HIS B 125 10.00 15.76 8.32
CA HIS B 125 10.29 17.03 7.68
C HIS B 125 10.87 18.05 8.65
N MET B 126 11.85 18.81 8.18
CA MET B 126 12.47 19.86 8.98
C MET B 126 12.73 21.03 8.03
N GLN B 127 12.17 22.19 8.35
CA GLN B 127 12.35 23.37 7.51
C GLN B 127 12.94 24.57 8.26
N TRP B 128 13.76 24.30 9.26
CA TRP B 128 14.41 25.36 10.03
C TRP B 128 13.43 26.19 10.86
N LEU B 129 12.49 26.85 10.19
CA LEU B 129 11.47 27.64 10.89
C LEU B 129 10.10 27.22 10.36
N PRO B 130 9.22 26.73 11.26
CA PRO B 130 9.44 26.56 12.70
C PRO B 130 10.49 25.50 13.04
N ASP B 131 11.05 25.60 14.24
CA ASP B 131 12.06 24.66 14.69
C ASP B 131 11.40 23.39 15.22
N GLU B 132 10.83 22.59 14.32
CA GLU B 132 10.15 21.36 14.70
C GLU B 132 10.45 20.21 13.73
N LEU B 133 10.27 18.99 14.22
CA LEU B 133 10.48 17.82 13.37
C LEU B 133 9.07 17.27 13.12
N ARG B 134 8.56 17.55 11.93
CA ARG B 134 7.23 17.12 11.53
C ARG B 134 7.23 15.66 11.08
N ILE B 135 6.30 14.88 11.63
CA ILE B 135 6.18 13.47 11.26
C ILE B 135 4.74 13.12 10.92
N GLU B 136 4.52 11.90 10.43
CA GLU B 136 3.19 11.45 10.05
C GLU B 136 2.63 10.43 11.04
N LYS B 137 1.31 10.31 11.06
CA LYS B 137 0.63 9.37 11.95
C LYS B 137 1.15 7.95 11.65
N PHE B 138 1.50 7.22 12.71
CA PHE B 138 2.04 5.85 12.61
C PHE B 138 3.40 5.79 11.92
N GLY B 139 3.97 6.96 11.64
CA GLY B 139 5.25 6.99 10.95
C GLY B 139 6.52 6.80 11.75
N MET B 140 6.45 6.98 13.06
CA MET B 140 7.63 6.86 13.90
C MET B 140 7.29 6.23 15.25
N PRO B 141 7.94 5.09 15.58
CA PRO B 141 7.69 4.42 16.86
C PRO B 141 8.27 5.14 18.06
N ALA B 142 7.69 4.88 19.23
CA ALA B 142 8.11 5.49 20.48
C ALA B 142 9.63 5.55 20.69
N ASP B 143 10.32 4.43 20.48
CA ASP B 143 11.76 4.35 20.67
C ASP B 143 12.53 5.40 19.88
N VAL B 144 12.10 5.61 18.64
CA VAL B 144 12.74 6.59 17.76
C VAL B 144 12.44 8.01 18.21
N LYS B 145 11.17 8.28 18.48
CA LYS B 145 10.77 9.60 18.93
C LYS B 145 11.50 9.97 20.23
N ASP B 146 11.59 9.01 21.15
CA ASP B 146 12.28 9.27 22.41
C ASP B 146 13.73 9.69 22.19
N ASN B 147 14.43 8.96 21.33
CA ASN B 147 15.83 9.29 21.08
C ASN B 147 16.01 10.63 20.36
N LEU B 148 15.08 10.97 19.48
CA LEU B 148 15.15 12.24 18.75
C LEU B 148 14.81 13.39 19.70
N THR B 149 13.85 13.17 20.58
CA THR B 149 13.44 14.18 21.56
C THR B 149 14.60 14.46 22.50
N LYS B 150 15.37 13.41 22.82
CA LYS B 150 16.51 13.55 23.71
C LYS B 150 17.59 14.38 23.03
N MET B 151 17.65 14.30 21.71
CA MET B 151 18.65 15.06 20.96
C MET B 151 18.33 16.55 20.96
N GLY B 152 17.05 16.88 21.12
CA GLY B 152 16.65 18.27 21.12
C GLY B 152 15.53 18.61 20.16
N TYR B 153 15.06 17.62 19.40
CA TYR B 153 13.98 17.86 18.44
C TYR B 153 12.63 18.00 19.12
N GLN B 154 11.78 18.86 18.56
CA GLN B 154 10.42 19.07 19.04
C GLN B 154 9.54 18.37 17.99
N ILE B 155 9.17 17.13 18.26
CA ILE B 155 8.38 16.33 17.35
C ILE B 155 6.89 16.68 17.31
N VAL B 156 6.34 16.86 16.11
CA VAL B 156 4.92 17.17 15.95
C VAL B 156 4.32 16.33 14.82
N THR B 157 3.18 15.70 15.09
CA THR B 157 2.52 14.88 14.09
C THR B 157 1.53 15.76 13.33
N LYS B 158 1.66 15.81 12.02
CA LYS B 158 0.78 16.62 11.19
C LYS B 158 0.26 15.81 10.00
N PRO B 159 -0.69 16.38 9.23
CA PRO B 159 -1.26 15.68 8.06
C PRO B 159 -0.18 15.10 7.15
N VAL B 160 -0.50 13.98 6.49
CA VAL B 160 0.46 13.33 5.61
C VAL B 160 1.02 14.31 4.60
N MET B 161 2.30 14.12 4.25
CA MET B 161 2.98 15.01 3.34
C MET B 161 3.21 14.49 1.92
N GLY B 162 2.72 15.25 0.95
CA GLY B 162 2.93 14.92 -0.44
C GLY B 162 1.98 13.98 -1.15
N ASP B 163 2.30 13.76 -2.42
CA ASP B 163 1.56 12.89 -3.30
C ASP B 163 2.52 12.61 -4.45
N VAL B 164 3.43 11.68 -4.21
CA VAL B 164 4.45 11.33 -5.17
C VAL B 164 4.01 10.35 -6.27
N ASN B 165 4.28 10.73 -7.51
CA ASN B 165 3.99 9.87 -8.65
C ASN B 165 5.36 9.68 -9.27
N ALA B 166 5.92 8.49 -9.06
CA ALA B 166 7.26 8.20 -9.55
C ALA B 166 7.36 6.97 -10.42
N ILE B 167 8.46 6.91 -11.18
CA ILE B 167 8.73 5.81 -12.08
C ILE B 167 10.17 5.37 -11.88
N GLN B 168 10.40 4.06 -11.93
CA GLN B 168 11.75 3.53 -11.82
C GLN B 168 11.97 2.66 -13.06
N VAL B 169 13.04 2.95 -13.79
CA VAL B 169 13.35 2.16 -14.98
C VAL B 169 14.58 1.29 -14.70
N LEU B 170 14.47 0.02 -15.05
CA LEU B 170 15.56 -0.91 -14.85
C LEU B 170 15.89 -1.61 -16.17
N PRO B 171 17.18 -1.66 -16.52
CA PRO B 171 17.63 -2.28 -17.76
C PRO B 171 17.40 -3.79 -17.81
N LYS B 172 16.73 -4.24 -18.86
CA LYS B 172 16.44 -5.65 -19.06
C LYS B 172 17.42 -6.19 -20.09
N THR B 173 17.59 -7.51 -20.12
CA THR B 173 18.50 -8.14 -21.06
C THR B 173 18.28 -7.66 -22.50
N LYS B 174 17.02 -7.57 -22.91
CA LYS B 174 16.68 -7.14 -24.25
C LYS B 174 16.22 -5.69 -24.32
N GLY B 175 15.53 -5.22 -23.28
CA GLY B 175 15.05 -3.85 -23.26
C GLY B 175 15.07 -3.22 -21.88
N SER B 176 13.95 -2.61 -21.49
CA SER B 176 13.83 -1.96 -20.19
C SER B 176 12.50 -2.28 -19.53
N VAL B 177 12.49 -2.28 -18.20
CA VAL B 177 11.26 -2.53 -17.46
C VAL B 177 10.90 -1.24 -16.72
N PHE B 178 9.63 -0.88 -16.78
CA PHE B 178 9.15 0.34 -16.14
C PHE B 178 8.30 0.01 -14.93
N TYR B 179 8.71 0.54 -13.78
CA TYR B 179 8.00 0.33 -12.52
C TYR B 179 7.47 1.69 -12.07
N GLY B 180 6.20 1.74 -11.71
CA GLY B 180 5.63 3.01 -11.28
C GLY B 180 4.91 2.92 -9.95
N SER B 181 4.61 4.09 -9.39
CA SER B 181 3.92 4.12 -8.12
C SER B 181 3.21 5.45 -7.90
N THR B 182 1.96 5.36 -7.46
CA THR B 182 1.18 6.54 -7.13
C THR B 182 1.24 6.56 -5.60
N ASP B 183 0.98 7.72 -5.00
CA ASP B 183 1.08 7.84 -3.55
C ASP B 183 -0.19 7.43 -2.79
N PRO B 184 -0.05 6.55 -1.80
CA PRO B 184 -1.22 6.12 -1.02
C PRO B 184 -1.73 7.24 -0.12
N ARG B 185 -1.09 8.41 -0.20
CA ARG B 185 -1.48 9.55 0.61
C ARG B 185 -2.60 10.34 -0.05
N LYS B 186 -2.65 10.32 -1.38
CA LYS B 186 -3.68 11.02 -2.12
C LYS B 186 -3.52 10.74 -3.63
N PRO C 28 -8.93 1.55 1.41
CA PRO C 28 -9.80 0.36 1.58
C PRO C 28 -10.93 0.34 0.55
N ILE C 29 -11.24 -0.85 0.04
CA ILE C 29 -12.33 -0.96 -0.93
C ILE C 29 -13.58 -0.73 -0.11
N LYS C 30 -14.68 -0.35 -0.75
CA LYS C 30 -15.90 -0.07 0.00
C LYS C 30 -17.19 -0.59 -0.62
N ASN C 31 -18.20 -0.77 0.22
CA ASN C 31 -19.50 -1.22 -0.20
C ASN C 31 -20.48 -0.93 0.94
N THR C 32 -21.65 -0.39 0.59
CA THR C 32 -22.66 -0.06 1.58
C THR C 32 -23.99 -0.62 1.11
N LYS C 33 -23.93 -1.45 0.07
CA LYS C 33 -25.11 -2.04 -0.52
C LYS C 33 -25.30 -3.52 -0.16
N VAL C 34 -24.40 -4.38 -0.64
CA VAL C 34 -24.52 -5.81 -0.39
C VAL C 34 -23.39 -6.44 0.43
N GLY C 35 -22.42 -5.64 0.85
CA GLY C 35 -21.32 -6.18 1.63
C GLY C 35 -20.08 -6.42 0.81
N LEU C 36 -19.22 -7.32 1.28
CA LEU C 36 -17.96 -7.62 0.57
C LEU C 36 -17.54 -9.08 0.65
N ALA C 37 -16.89 -9.54 -0.42
CA ALA C 37 -16.37 -10.91 -0.51
C ALA C 37 -14.91 -10.73 -0.92
N LEU C 38 -13.97 -10.95 0.00
CA LEU C 38 -12.56 -10.73 -0.29
C LEU C 38 -11.68 -11.97 -0.20
N SER C 39 -10.86 -12.17 -1.23
CA SER C 39 -9.95 -13.30 -1.28
C SER C 39 -8.62 -12.87 -1.89
N SER C 40 -7.69 -13.82 -1.97
CA SER C 40 -6.37 -13.55 -2.53
C SER C 40 -6.30 -13.56 -4.05
N HIS C 41 -7.42 -13.82 -4.72
CA HIS C 41 -7.42 -13.80 -6.18
C HIS C 41 -8.61 -12.97 -6.68
N PRO C 42 -8.34 -11.89 -7.43
CA PRO C 42 -9.38 -11.01 -7.96
C PRO C 42 -10.54 -11.67 -8.71
N LEU C 43 -10.26 -12.78 -9.39
CA LEU C 43 -11.32 -13.47 -10.12
C LEU C 43 -12.25 -14.18 -9.14
N ALA C 44 -11.69 -14.71 -8.06
CA ALA C 44 -12.46 -15.39 -7.03
C ALA C 44 -13.27 -14.37 -6.23
N SER C 45 -12.64 -13.24 -5.92
CA SER C 45 -13.32 -12.19 -5.17
C SER C 45 -14.53 -11.67 -5.97
N GLU C 46 -14.31 -11.45 -7.26
CA GLU C 46 -15.38 -10.97 -8.15
C GLU C 46 -16.53 -11.97 -8.18
N ILE C 47 -16.20 -13.25 -8.25
CA ILE C 47 -17.21 -14.30 -8.26
C ILE C 47 -18.04 -14.24 -6.97
N GLY C 48 -17.37 -14.06 -5.84
CA GLY C 48 -18.09 -13.97 -4.58
C GLY C 48 -18.94 -12.71 -4.48
N GLN C 49 -18.39 -11.61 -4.96
CA GLN C 49 -19.07 -10.31 -4.93
C GLN C 49 -20.29 -10.37 -5.83
N LYS C 50 -20.17 -11.08 -6.94
CA LYS C 50 -21.24 -11.24 -7.89
C LYS C 50 -22.39 -12.03 -7.26
N VAL C 51 -22.07 -12.94 -6.35
CA VAL C 51 -23.09 -13.73 -5.68
C VAL C 51 -23.85 -12.84 -4.71
N LEU C 52 -23.15 -11.91 -4.07
CA LEU C 52 -23.78 -10.99 -3.14
C LEU C 52 -24.68 -10.02 -3.91
N GLU C 53 -24.22 -9.60 -5.09
CA GLU C 53 -24.99 -8.67 -5.91
C GLU C 53 -26.27 -9.35 -6.40
N GLU C 54 -26.15 -10.61 -6.83
CA GLU C 54 -27.29 -11.37 -7.33
C GLU C 54 -28.26 -11.79 -6.21
N GLY C 55 -27.95 -11.42 -4.98
CA GLY C 55 -28.86 -11.74 -3.88
C GLY C 55 -28.54 -12.91 -2.95
N GLY C 56 -27.35 -13.49 -3.05
CA GLY C 56 -27.01 -14.59 -2.16
C GLY C 56 -26.47 -14.06 -0.85
N ASN C 57 -26.41 -14.89 0.20
CA ASN C 57 -25.89 -14.43 1.47
C ASN C 57 -24.39 -14.73 1.59
N ALA C 58 -23.82 -14.44 2.76
CA ALA C 58 -22.39 -14.64 2.97
C ALA C 58 -21.93 -16.07 2.75
N ILE C 59 -22.75 -17.04 3.14
CA ILE C 59 -22.40 -18.45 2.98
C ILE C 59 -22.40 -18.81 1.50
N ASP C 60 -23.42 -18.37 0.77
CA ASP C 60 -23.49 -18.67 -0.67
C ASP C 60 -22.23 -18.13 -1.35
N ALA C 61 -21.84 -16.91 -1.00
CA ALA C 61 -20.65 -16.29 -1.59
C ALA C 61 -19.38 -17.03 -1.20
N ALA C 62 -19.32 -17.50 0.05
CA ALA C 62 -18.14 -18.21 0.54
C ALA C 62 -17.95 -19.54 -0.18
N VAL C 63 -19.05 -20.21 -0.49
CA VAL C 63 -19.00 -21.48 -1.19
C VAL C 63 -18.53 -21.29 -2.64
N ALA C 64 -19.02 -20.25 -3.30
CA ALA C 64 -18.62 -19.98 -4.68
C ALA C 64 -17.12 -19.65 -4.73
N ILE C 65 -16.64 -18.92 -3.73
CA ILE C 65 -15.23 -18.55 -3.66
C ILE C 65 -14.37 -19.76 -3.36
N GLY C 66 -14.88 -20.65 -2.52
CA GLY C 66 -14.13 -21.85 -2.17
C GLY C 66 -13.82 -22.68 -3.41
N PHE C 67 -14.79 -22.82 -4.30
CA PHE C 67 -14.60 -23.59 -5.52
C PHE C 67 -13.81 -22.80 -6.55
N ALA C 68 -14.00 -21.50 -6.57
CA ALA C 68 -13.29 -20.65 -7.52
C ALA C 68 -11.78 -20.67 -7.24
N LEU C 69 -11.41 -20.52 -5.97
CA LEU C 69 -9.99 -20.53 -5.61
C LEU C 69 -9.33 -21.88 -5.90
N ALA C 70 -10.12 -22.96 -5.89
CA ALA C 70 -9.60 -24.29 -6.18
C ALA C 70 -9.16 -24.36 -7.64
N VAL C 71 -9.59 -23.37 -8.41
CA VAL C 71 -9.25 -23.29 -9.82
C VAL C 71 -8.20 -22.21 -10.11
N VAL C 72 -8.41 -21.00 -9.61
CA VAL C 72 -7.50 -19.90 -9.86
C VAL C 72 -6.32 -19.71 -8.91
N HIS C 73 -6.32 -20.43 -7.79
CA HIS C 73 -5.25 -20.30 -6.81
C HIS C 73 -4.83 -21.70 -6.32
N PRO C 74 -4.41 -22.57 -7.26
CA PRO C 74 -3.99 -23.94 -6.94
C PRO C 74 -2.89 -24.11 -5.91
N ALA C 75 -2.13 -23.06 -5.64
CA ALA C 75 -1.08 -23.18 -4.62
C ALA C 75 -1.69 -23.38 -3.23
N ALA C 76 -2.90 -22.85 -3.04
CA ALA C 76 -3.59 -22.93 -1.75
C ALA C 76 -5.08 -23.24 -1.91
N GLY C 77 -5.77 -22.51 -2.79
CA GLY C 77 -7.18 -22.79 -3.04
C GLY C 77 -7.21 -24.26 -3.40
N ASN C 78 -8.30 -24.97 -3.13
CA ASN C 78 -8.27 -26.40 -3.37
C ASN C 78 -9.58 -27.16 -3.16
N ILE C 79 -9.58 -28.42 -3.61
CA ILE C 79 -10.67 -29.35 -3.35
C ILE C 79 -9.96 -30.57 -2.77
N GLY C 80 -8.64 -30.57 -2.86
CA GLY C 80 -7.84 -31.67 -2.34
C GLY C 80 -7.29 -31.48 -0.94
N GLY C 81 -7.75 -30.45 -0.22
CA GLY C 81 -7.27 -30.22 1.13
C GLY C 81 -8.40 -30.08 2.14
N GLY C 82 -8.33 -29.07 3.01
CA GLY C 82 -9.37 -28.87 4.00
C GLY C 82 -9.21 -27.55 4.74
N GLY C 83 -10.09 -27.30 5.70
CA GLY C 83 -9.99 -26.06 6.43
C GLY C 83 -11.08 -25.85 7.46
N PHE C 84 -11.28 -24.58 7.81
CA PHE C 84 -12.27 -24.18 8.81
C PHE C 84 -13.05 -22.96 8.38
N ALA C 85 -14.28 -22.86 8.87
CA ALA C 85 -15.12 -21.71 8.58
C ALA C 85 -15.72 -21.28 9.91
N VAL C 86 -15.52 -20.01 10.25
CA VAL C 86 -16.08 -19.46 11.48
C VAL C 86 -17.20 -18.55 10.97
N ILE C 87 -18.40 -18.78 11.49
CA ILE C 87 -19.55 -18.03 11.02
C ILE C 87 -20.34 -17.30 12.09
N HIS C 88 -20.75 -16.08 11.77
CA HIS C 88 -21.59 -15.27 12.65
C HIS C 88 -22.90 -15.13 11.89
N LEU C 89 -23.97 -15.65 12.45
CA LEU C 89 -25.29 -15.58 11.82
C LEU C 89 -26.00 -14.31 12.23
N ALA C 90 -26.82 -13.78 11.33
CA ALA C 90 -27.55 -12.56 11.57
C ALA C 90 -28.34 -12.56 12.88
N ASN C 91 -28.77 -13.74 13.32
CA ASN C 91 -29.54 -13.82 14.54
C ASN C 91 -28.68 -13.73 15.79
N GLY C 92 -27.37 -13.65 15.59
CA GLY C 92 -26.47 -13.53 16.73
C GLY C 92 -25.72 -14.78 17.13
N GLU C 93 -26.06 -15.91 16.54
CA GLU C 93 -25.38 -17.16 16.86
C GLU C 93 -24.02 -17.23 16.19
N ASN C 94 -23.07 -17.86 16.85
CA ASN C 94 -21.72 -18.03 16.31
C ASN C 94 -21.39 -19.51 16.25
N VAL C 95 -21.08 -20.00 15.05
CA VAL C 95 -20.78 -21.41 14.88
C VAL C 95 -19.48 -21.60 14.11
N ALA C 96 -18.94 -22.82 14.18
CA ALA C 96 -17.70 -23.11 13.47
C ALA C 96 -17.80 -24.45 12.76
N LEU C 97 -17.31 -24.50 11.54
CA LEU C 97 -17.33 -25.73 10.76
C LEU C 97 -15.92 -26.27 10.60
N ASP C 98 -15.75 -27.52 11.00
CA ASP C 98 -14.47 -28.21 10.91
C ASP C 98 -14.51 -29.13 9.69
N PHE C 99 -13.77 -28.77 8.65
CA PHE C 99 -13.67 -29.63 7.47
C PHE C 99 -12.18 -29.88 7.21
N ARG C 100 -11.48 -30.10 8.32
CA ARG C 100 -10.04 -30.37 8.33
C ARG C 100 -9.83 -31.84 7.90
N GLU C 101 -8.77 -32.10 7.14
CA GLU C 101 -8.51 -33.48 6.71
C GLU C 101 -8.31 -34.41 7.91
N LYS C 102 -8.54 -35.69 7.68
CA LYS C 102 -8.40 -36.72 8.70
C LYS C 102 -7.26 -37.66 8.32
N ALA C 103 -6.53 -38.15 9.31
CA ALA C 103 -5.47 -39.10 9.02
C ALA C 103 -6.22 -40.30 8.45
N PRO C 104 -5.67 -40.96 7.42
CA PRO C 104 -6.34 -42.11 6.81
C PRO C 104 -6.59 -43.23 7.84
N LEU C 105 -7.50 -44.14 7.51
CA LEU C 105 -7.85 -45.25 8.38
C LEU C 105 -6.63 -46.12 8.73
N LYS C 106 -5.71 -46.24 7.79
CA LYS C 106 -4.51 -47.05 7.98
C LYS C 106 -3.32 -46.28 8.55
N ALA C 107 -3.56 -45.03 8.92
CA ALA C 107 -2.50 -44.19 9.47
C ALA C 107 -2.02 -44.74 10.83
N THR C 108 -0.72 -44.68 11.05
CA THR C 108 -0.13 -45.15 12.30
C THR C 108 0.87 -44.13 12.84
N LYS C 109 1.05 -44.13 14.15
CA LYS C 109 1.94 -43.22 14.84
C LYS C 109 3.31 -42.99 14.22
N ASN C 110 4.02 -44.07 13.89
CA ASN C 110 5.36 -43.95 13.31
C ASN C 110 5.42 -44.20 11.81
N MET C 111 4.30 -43.99 11.10
CA MET C 111 4.26 -44.23 9.66
C MET C 111 5.31 -43.48 8.85
N PHE C 112 5.85 -42.40 9.39
CA PHE C 112 6.86 -41.63 8.68
C PHE C 112 8.28 -41.85 9.17
N LEU C 113 8.49 -42.94 9.91
CA LEU C 113 9.82 -43.26 10.44
C LEU C 113 10.33 -44.57 9.87
N ASP C 114 11.65 -44.71 9.78
CA ASP C 114 12.24 -45.95 9.29
C ASP C 114 12.31 -46.95 10.44
N LYS C 115 12.94 -48.09 10.21
CA LYS C 115 13.03 -49.11 11.26
C LYS C 115 13.87 -48.63 12.45
N GLN C 116 14.71 -47.64 12.22
CA GLN C 116 15.56 -47.11 13.28
C GLN C 116 14.87 -45.99 14.06
N GLY C 117 13.63 -45.68 13.68
CA GLY C 117 12.87 -44.65 14.37
C GLY C 117 13.21 -43.24 13.94
N ASN C 118 13.84 -43.11 12.78
CA ASN C 118 14.21 -41.79 12.26
C ASN C 118 13.35 -41.38 11.08
N VAL C 119 13.02 -40.09 11.06
CA VAL C 119 12.20 -39.52 10.01
C VAL C 119 12.69 -39.84 8.61
N VAL C 120 11.80 -40.34 7.78
CA VAL C 120 12.13 -40.65 6.39
C VAL C 120 11.98 -39.31 5.66
N PRO C 121 13.10 -38.71 5.25
CA PRO C 121 13.10 -37.41 4.55
C PRO C 121 12.06 -37.25 3.45
N LYS C 122 11.29 -36.17 3.56
CA LYS C 122 10.25 -35.83 2.58
C LYS C 122 8.99 -36.69 2.56
N LEU C 123 8.99 -37.84 3.23
CA LEU C 123 7.83 -38.71 3.20
C LEU C 123 6.54 -38.04 3.69
N SER C 124 6.63 -37.14 4.66
CA SER C 124 5.44 -36.46 5.17
C SER C 124 5.17 -35.15 4.43
N GLU C 125 6.01 -34.81 3.46
CA GLU C 125 5.88 -33.56 2.73
C GLU C 125 5.58 -33.70 1.23
N ASP C 126 6.31 -34.59 0.56
CA ASP C 126 6.12 -34.78 -0.87
C ASP C 126 5.45 -36.12 -1.15
N GLY C 127 4.49 -36.15 -2.07
CA GLY C 127 3.87 -37.41 -2.41
C GLY C 127 2.52 -37.78 -1.82
N TYR C 128 2.07 -38.97 -2.23
CA TYR C 128 0.77 -39.51 -1.84
C TYR C 128 0.56 -39.89 -0.39
N LEU C 129 1.62 -40.32 0.30
CA LEU C 129 1.49 -40.71 1.70
C LEU C 129 1.41 -39.49 2.62
N ALA C 130 1.72 -38.32 2.10
CA ALA C 130 1.67 -37.10 2.91
C ALA C 130 0.28 -36.54 3.04
N ALA C 131 -0.67 -37.15 2.33
CA ALA C 131 -2.05 -36.67 2.32
C ALA C 131 -3.01 -37.21 3.37
N GLY C 132 -3.86 -36.30 3.85
CA GLY C 132 -4.89 -36.67 4.79
C GLY C 132 -6.12 -36.74 3.91
N VAL C 133 -7.21 -37.30 4.41
CA VAL C 133 -8.45 -37.39 3.62
C VAL C 133 -9.05 -35.99 3.47
N PRO C 134 -9.20 -35.52 2.22
CA PRO C 134 -9.75 -34.20 1.91
C PRO C 134 -11.15 -33.89 2.45
N GLY C 135 -11.31 -32.69 2.98
CA GLY C 135 -12.60 -32.29 3.52
C GLY C 135 -13.22 -31.05 2.92
N THR C 136 -12.47 -30.33 2.09
CA THR C 136 -12.99 -29.11 1.49
C THR C 136 -14.37 -29.26 0.85
N VAL C 137 -14.51 -30.22 -0.06
CA VAL C 137 -15.79 -30.43 -0.73
C VAL C 137 -16.93 -30.73 0.24
N ALA C 138 -16.67 -31.56 1.24
CA ALA C 138 -17.69 -31.88 2.23
C ALA C 138 -18.04 -30.63 3.01
N GLY C 139 -17.03 -29.80 3.27
CA GLY C 139 -17.25 -28.59 4.03
C GLY C 139 -18.08 -27.56 3.29
N MET C 140 -17.78 -27.36 2.02
CA MET C 140 -18.53 -26.40 1.22
C MET C 140 -20.02 -26.77 1.21
N GLU C 141 -20.31 -28.03 0.90
CA GLU C 141 -21.70 -28.50 0.86
C GLU C 141 -22.36 -28.41 2.23
N ALA C 142 -21.61 -28.78 3.27
CA ALA C 142 -22.13 -28.75 4.62
C ALA C 142 -22.62 -27.37 5.04
N MET C 143 -21.81 -26.33 4.83
CA MET C 143 -22.25 -25.01 5.25
C MET C 143 -23.34 -24.47 4.33
N LEU C 144 -23.31 -24.85 3.06
CA LEU C 144 -24.33 -24.39 2.12
C LEU C 144 -25.70 -24.93 2.51
N LYS C 145 -25.81 -26.23 2.69
CA LYS C 145 -27.10 -26.83 3.03
C LYS C 145 -27.67 -26.37 4.35
N LYS C 146 -26.80 -25.98 5.29
CA LYS C 146 -27.29 -25.55 6.59
C LYS C 146 -27.60 -24.07 6.69
N TYR C 147 -26.79 -23.23 6.07
CA TYR C 147 -26.98 -21.79 6.15
C TYR C 147 -27.05 -21.03 4.83
N GLY C 148 -26.89 -21.71 3.71
CA GLY C 148 -26.94 -21.04 2.43
C GLY C 148 -28.36 -20.84 1.93
N THR C 149 -28.52 -20.26 0.74
CA THR C 149 -29.86 -20.04 0.19
C THR C 149 -29.90 -20.43 -1.29
N LYS C 150 -28.72 -20.62 -1.88
CA LYS C 150 -28.64 -20.99 -3.28
C LYS C 150 -28.23 -22.44 -3.48
N LYS C 151 -28.33 -22.90 -4.72
CA LYS C 151 -27.99 -24.28 -5.05
C LYS C 151 -26.51 -24.41 -5.40
N LEU C 152 -25.87 -25.46 -4.88
CA LEU C 152 -24.47 -25.69 -5.15
C LEU C 152 -24.26 -25.71 -6.66
N SER C 153 -25.22 -26.28 -7.37
CA SER C 153 -25.15 -26.38 -8.81
C SER C 153 -24.83 -25.06 -9.50
N GLN C 154 -25.45 -23.97 -9.04
CA GLN C 154 -25.22 -22.66 -9.64
C GLN C 154 -23.98 -21.94 -9.09
N LEU C 155 -23.72 -22.10 -7.80
CA LEU C 155 -22.59 -21.44 -7.17
C LEU C 155 -21.24 -21.98 -7.65
N ILE C 156 -21.25 -23.19 -8.19
CA ILE C 156 -20.01 -23.81 -8.67
C ILE C 156 -19.73 -23.57 -10.16
N ASP C 157 -20.75 -23.11 -10.89
CA ASP C 157 -20.59 -22.85 -12.31
C ASP C 157 -19.45 -21.89 -12.67
N PRO C 158 -19.32 -20.78 -11.91
CA PRO C 158 -18.24 -19.84 -12.22
C PRO C 158 -16.87 -20.53 -12.21
N ALA C 159 -16.66 -21.39 -11.22
CA ALA C 159 -15.42 -22.14 -11.09
C ALA C 159 -15.24 -23.08 -12.27
N ILE C 160 -16.31 -23.77 -12.63
CA ILE C 160 -16.25 -24.69 -13.76
C ILE C 160 -15.87 -23.93 -15.02
N LYS C 161 -16.46 -22.77 -15.22
CA LYS C 161 -16.18 -21.94 -16.38
C LYS C 161 -14.70 -21.59 -16.46
N LEU C 162 -14.10 -21.30 -15.31
CA LEU C 162 -12.69 -20.94 -15.24
C LEU C 162 -11.79 -22.13 -15.53
N ALA C 163 -12.20 -23.31 -15.07
CA ALA C 163 -11.43 -24.51 -15.30
C ALA C 163 -11.51 -24.91 -16.78
N GLU C 164 -12.70 -24.77 -17.36
CA GLU C 164 -12.92 -25.13 -18.76
C GLU C 164 -12.39 -24.11 -19.76
N ASN C 165 -12.68 -22.83 -19.53
CA ASN C 165 -12.24 -21.77 -20.43
C ASN C 165 -10.84 -21.26 -20.14
N GLY C 166 -10.38 -21.48 -18.90
CA GLY C 166 -9.05 -21.03 -18.53
C GLY C 166 -8.97 -19.61 -18.02
N TYR C 167 -7.85 -19.28 -17.37
CA TYR C 167 -7.64 -17.94 -16.86
C TYR C 167 -6.17 -17.59 -17.04
N ALA C 168 -5.83 -16.32 -16.87
CA ALA C 168 -4.46 -15.86 -17.04
C ALA C 168 -3.56 -16.03 -15.82
N ILE C 169 -2.41 -16.66 -16.03
CA ILE C 169 -1.43 -16.88 -14.95
C ILE C 169 -0.92 -15.50 -14.52
N SER C 170 -0.89 -15.24 -13.21
CA SER C 170 -0.43 -13.95 -12.71
C SER C 170 1.08 -13.97 -12.52
N GLN C 171 1.67 -12.80 -12.25
CA GLN C 171 3.11 -12.71 -12.04
C GLN C 171 3.52 -13.52 -10.81
N ARG C 172 2.81 -13.31 -9.72
CA ARG C 172 3.10 -14.04 -8.48
C ARG C 172 2.93 -15.55 -8.70
N GLN C 173 1.86 -15.94 -9.38
CA GLN C 173 1.59 -17.36 -9.65
C GLN C 173 2.70 -18.01 -10.48
N ALA C 174 3.26 -17.27 -11.45
CA ALA C 174 4.33 -17.82 -12.27
C ALA C 174 5.54 -18.07 -11.36
N GLU C 175 5.73 -17.18 -10.39
CA GLU C 175 6.84 -17.31 -9.46
C GLU C 175 6.70 -18.57 -8.60
N THR C 176 5.53 -18.76 -8.01
CA THR C 176 5.31 -19.93 -7.15
C THR C 176 5.33 -21.27 -7.89
N LEU C 177 4.84 -21.28 -9.12
CA LEU C 177 4.84 -22.51 -9.91
C LEU C 177 6.29 -22.88 -10.20
N LYS C 178 7.08 -21.87 -10.55
CA LYS C 178 8.48 -22.10 -10.86
C LYS C 178 9.19 -22.70 -9.64
N GLU C 179 8.95 -22.14 -8.45
CA GLU C 179 9.59 -22.63 -7.24
C GLU C 179 9.19 -24.05 -6.87
N ALA C 180 8.02 -24.49 -7.32
CA ALA C 180 7.56 -25.83 -7.02
C ALA C 180 7.92 -26.82 -8.13
N ARG C 181 8.58 -26.34 -9.17
CA ARG C 181 8.96 -27.17 -10.32
C ARG C 181 9.53 -28.54 -9.97
N GLU C 182 10.59 -28.55 -9.18
CA GLU C 182 11.23 -29.81 -8.78
C GLU C 182 10.26 -30.80 -8.13
N ARG C 183 9.33 -30.27 -7.35
CA ARG C 183 8.37 -31.13 -6.67
C ARG C 183 7.36 -31.72 -7.65
N PHE C 184 6.87 -30.89 -8.57
CA PHE C 184 5.90 -31.35 -9.57
C PHE C 184 6.47 -32.48 -10.44
N LEU C 185 7.71 -32.30 -10.88
CA LEU C 185 8.38 -33.27 -11.74
C LEU C 185 8.41 -34.68 -11.17
N LYS C 186 8.35 -34.80 -9.87
CA LYS C 186 8.38 -36.12 -9.23
C LYS C 186 7.16 -36.97 -9.56
N TYR C 187 6.05 -36.32 -9.90
CA TYR C 187 4.80 -37.04 -10.16
C TYR C 187 4.23 -36.81 -11.56
N SER C 188 3.94 -37.91 -12.25
CA SER C 188 3.38 -37.86 -13.60
C SER C 188 2.08 -37.06 -13.67
N SER C 189 1.21 -37.25 -12.69
CA SER C 189 -0.06 -36.54 -12.67
C SER C 189 0.14 -35.02 -12.67
N SER C 190 1.00 -34.54 -11.79
CA SER C 190 1.26 -33.11 -11.70
C SER C 190 2.04 -32.58 -12.89
N LYS C 191 2.92 -33.39 -13.45
CA LYS C 191 3.69 -32.94 -14.61
C LYS C 191 2.75 -32.63 -15.76
N LYS C 192 1.65 -33.37 -15.83
CA LYS C 192 0.67 -33.17 -16.88
C LYS C 192 -0.23 -31.96 -16.64
N TYR C 193 -0.63 -31.73 -15.40
CA TYR C 193 -1.53 -30.63 -15.09
C TYR C 193 -0.90 -29.26 -14.87
N PHE C 194 0.28 -29.23 -14.25
CA PHE C 194 0.89 -27.95 -13.95
C PHE C 194 2.07 -27.44 -14.76
N PHE C 195 2.34 -28.10 -15.89
CA PHE C 195 3.39 -27.67 -16.80
C PHE C 195 2.76 -27.60 -18.19
N LYS C 196 3.25 -26.70 -19.03
CA LYS C 196 2.74 -26.64 -20.39
C LYS C 196 3.38 -27.84 -21.09
N LYS C 197 3.06 -28.02 -22.36
CA LYS C 197 3.64 -29.13 -23.10
C LYS C 197 5.16 -29.01 -23.08
N GLY C 198 5.85 -30.11 -22.86
CA GLY C 198 7.30 -30.09 -22.82
C GLY C 198 7.91 -29.74 -21.48
N HIS C 199 7.11 -29.85 -20.41
CA HIS C 199 7.57 -29.54 -19.07
C HIS C 199 7.95 -28.08 -18.88
N LEU C 200 7.40 -27.19 -19.70
CA LEU C 200 7.72 -25.77 -19.57
C LEU C 200 6.89 -25.11 -18.46
N ASP C 201 7.52 -24.21 -17.72
CA ASP C 201 6.82 -23.50 -16.65
C ASP C 201 5.81 -22.55 -17.26
N TYR C 202 4.65 -22.41 -16.62
CA TYR C 202 3.65 -21.49 -17.11
C TYR C 202 4.22 -20.09 -16.89
N GLN C 203 3.97 -19.20 -17.84
CA GLN C 203 4.47 -17.83 -17.76
C GLN C 203 3.35 -16.86 -17.45
N GLU C 204 3.70 -15.71 -16.89
CA GLU C 204 2.73 -14.67 -16.59
C GLU C 204 2.00 -14.36 -17.89
N GLY C 205 0.68 -14.36 -17.85
CA GLY C 205 -0.07 -14.07 -19.06
C GLY C 205 -0.60 -15.29 -19.79
N ASP C 206 0.02 -16.45 -19.60
CA ASP C 206 -0.44 -17.66 -20.27
C ASP C 206 -1.84 -18.00 -19.77
N LEU C 207 -2.65 -18.57 -20.66
CA LEU C 207 -4.01 -18.97 -20.31
C LEU C 207 -3.85 -20.39 -19.77
N PHE C 208 -4.33 -20.63 -18.55
CA PHE C 208 -4.23 -21.95 -17.92
C PHE C 208 -5.60 -22.65 -17.94
N VAL C 209 -5.67 -23.78 -18.63
CA VAL C 209 -6.90 -24.56 -18.76
C VAL C 209 -6.75 -25.87 -17.99
N GLN C 210 -7.79 -26.24 -17.26
CA GLN C 210 -7.77 -27.45 -16.44
C GLN C 210 -8.99 -28.33 -16.72
N LYS C 211 -8.93 -29.11 -17.80
CA LYS C 211 -10.05 -29.95 -18.16
C LYS C 211 -10.45 -31.04 -17.17
N ASP C 212 -9.48 -31.80 -16.64
CA ASP C 212 -9.82 -32.86 -15.68
C ASP C 212 -10.45 -32.24 -14.43
N LEU C 213 -9.94 -31.08 -14.03
CA LEU C 213 -10.47 -30.40 -12.84
C LEU C 213 -11.93 -30.00 -13.08
N ALA C 214 -12.21 -29.56 -14.30
CA ALA C 214 -13.57 -29.16 -14.68
C ALA C 214 -14.48 -30.38 -14.63
N LYS C 215 -13.94 -31.52 -15.04
CA LYS C 215 -14.67 -32.77 -15.06
C LYS C 215 -15.04 -33.14 -13.63
N THR C 216 -14.08 -32.98 -12.72
CA THR C 216 -14.31 -33.29 -11.31
C THR C 216 -15.32 -32.32 -10.70
N LEU C 217 -15.18 -31.04 -11.03
CA LEU C 217 -16.09 -30.02 -10.53
C LEU C 217 -17.50 -30.27 -11.06
N ASN C 218 -17.59 -30.82 -12.27
CA ASN C 218 -18.90 -31.13 -12.86
C ASN C 218 -19.58 -32.28 -12.13
N GLN C 219 -18.79 -33.23 -11.64
CA GLN C 219 -19.35 -34.37 -10.90
C GLN C 219 -19.97 -33.83 -9.61
N ILE C 220 -19.29 -32.87 -9.00
CA ILE C 220 -19.78 -32.27 -7.77
C ILE C 220 -21.01 -31.40 -8.07
N LYS C 221 -20.99 -30.76 -9.23
CA LYS C 221 -22.11 -29.91 -9.64
C LYS C 221 -23.38 -30.75 -9.79
N THR C 222 -23.22 -31.96 -10.30
CA THR C 222 -24.34 -32.86 -10.54
C THR C 222 -24.76 -33.74 -9.35
N LEU C 223 -23.77 -34.27 -8.63
CA LEU C 223 -24.06 -35.16 -7.51
C LEU C 223 -23.77 -34.59 -6.12
N GLY C 224 -23.24 -33.37 -6.06
CA GLY C 224 -22.91 -32.80 -4.76
C GLY C 224 -21.66 -33.45 -4.20
N ALA C 225 -21.51 -33.41 -2.88
CA ALA C 225 -20.33 -34.00 -2.23
C ALA C 225 -20.10 -35.46 -2.63
N LYS C 226 -21.18 -36.17 -2.96
CA LYS C 226 -21.04 -37.57 -3.34
C LYS C 226 -20.27 -37.68 -4.65
N GLY C 227 -20.27 -36.59 -5.41
CA GLY C 227 -19.56 -36.58 -6.67
C GLY C 227 -18.05 -36.60 -6.48
N PHE C 228 -17.62 -36.38 -5.24
CA PHE C 228 -16.19 -36.37 -4.92
C PHE C 228 -15.79 -37.56 -4.05
N TYR C 229 -16.56 -37.80 -2.99
CA TYR C 229 -16.27 -38.86 -2.05
C TYR C 229 -16.71 -40.26 -2.49
N GLN C 230 -17.48 -40.32 -3.57
CA GLN C 230 -17.95 -41.59 -4.10
C GLN C 230 -17.92 -41.61 -5.62
N GLY C 231 -18.34 -42.73 -6.20
CA GLY C 231 -18.39 -42.86 -7.64
C GLY C 231 -17.05 -42.83 -8.35
N GLN C 232 -17.05 -42.31 -9.57
CA GLN C 232 -15.89 -42.23 -10.43
C GLN C 232 -14.68 -41.52 -9.82
N VAL C 233 -14.91 -40.37 -9.18
CA VAL C 233 -13.82 -39.62 -8.59
C VAL C 233 -13.15 -40.40 -7.47
N ALA C 234 -13.97 -41.02 -6.62
CA ALA C 234 -13.44 -41.80 -5.50
C ALA C 234 -12.56 -42.91 -6.05
N GLU C 235 -12.98 -43.51 -7.16
CA GLU C 235 -12.21 -44.58 -7.79
C GLU C 235 -10.86 -44.08 -8.28
N LEU C 236 -10.87 -42.92 -8.94
CA LEU C 236 -9.64 -42.32 -9.45
C LEU C 236 -8.67 -42.09 -8.31
N ILE C 237 -9.20 -41.64 -7.18
CA ILE C 237 -8.39 -41.37 -6.01
C ILE C 237 -7.74 -42.65 -5.46
N GLU C 238 -8.56 -43.65 -5.16
CA GLU C 238 -8.05 -44.90 -4.63
C GLU C 238 -7.04 -45.55 -5.57
N LYS C 239 -7.35 -45.51 -6.86
CA LYS C 239 -6.47 -46.10 -7.88
C LYS C 239 -5.11 -45.44 -7.92
N ASP C 240 -5.09 -44.11 -7.95
CA ASP C 240 -3.83 -43.39 -8.01
C ASP C 240 -3.07 -43.58 -6.71
N MET C 241 -3.80 -43.74 -5.61
CA MET C 241 -3.18 -43.95 -4.31
C MET C 241 -2.41 -45.29 -4.28
N LYS C 242 -3.11 -46.36 -4.66
CA LYS C 242 -2.50 -47.69 -4.68
C LYS C 242 -1.26 -47.68 -5.56
N LYS C 243 -1.40 -47.09 -6.74
CA LYS C 243 -0.32 -47.03 -7.71
C LYS C 243 0.91 -46.26 -7.23
N ASN C 244 0.74 -45.29 -6.35
CA ASN C 244 1.87 -44.48 -5.90
C ASN C 244 2.25 -44.56 -4.43
N GLY C 245 1.81 -45.61 -3.74
CA GLY C 245 2.17 -45.76 -2.33
C GLY C 245 1.33 -45.03 -1.30
N GLY C 246 0.18 -44.49 -1.71
CA GLY C 246 -0.67 -43.79 -0.75
C GLY C 246 -1.61 -44.77 -0.07
N ILE C 247 -2.17 -44.40 1.08
CA ILE C 247 -3.05 -45.32 1.79
C ILE C 247 -4.52 -44.94 1.85
N ILE C 248 -4.91 -43.88 1.13
CA ILE C 248 -6.31 -43.46 1.14
C ILE C 248 -7.10 -44.35 0.18
N THR C 249 -8.26 -44.82 0.64
CA THR C 249 -9.12 -45.68 -0.17
C THR C 249 -10.53 -45.13 -0.23
N LYS C 250 -11.43 -45.83 -0.90
CA LYS C 250 -12.81 -45.40 -1.01
C LYS C 250 -13.49 -45.36 0.35
N GLU C 251 -13.06 -46.22 1.26
CA GLU C 251 -13.64 -46.27 2.60
C GLU C 251 -13.29 -44.99 3.36
N ASP C 252 -12.05 -44.54 3.21
CA ASP C 252 -11.60 -43.31 3.85
C ASP C 252 -12.50 -42.18 3.40
N LEU C 253 -12.69 -42.08 2.09
CA LEU C 253 -13.51 -41.04 1.49
C LEU C 253 -14.96 -41.11 1.94
N ALA C 254 -15.55 -42.30 1.85
CA ALA C 254 -16.94 -42.49 2.26
C ALA C 254 -17.10 -42.19 3.74
N SER C 255 -16.02 -42.34 4.50
CA SER C 255 -16.05 -42.10 5.93
C SER C 255 -15.74 -40.65 6.31
N TYR C 256 -15.26 -39.84 5.37
CA TYR C 256 -14.94 -38.46 5.74
C TYR C 256 -16.15 -37.77 6.33
N ASN C 257 -15.93 -37.05 7.43
CA ASN C 257 -17.03 -36.34 8.07
C ASN C 257 -16.62 -34.96 8.56
N VAL C 258 -17.47 -33.98 8.33
CA VAL C 258 -17.21 -32.63 8.80
C VAL C 258 -17.80 -32.62 10.20
N LYS C 259 -17.49 -31.60 10.98
CA LYS C 259 -18.04 -31.49 12.31
C LYS C 259 -18.34 -30.05 12.65
N TRP C 260 -19.58 -29.79 13.06
CA TRP C 260 -19.95 -28.45 13.47
C TRP C 260 -19.50 -28.38 14.92
N ARG C 261 -18.62 -27.45 15.23
CA ARG C 261 -18.11 -27.30 16.59
C ARG C 261 -18.41 -25.91 17.13
N LYS C 262 -18.27 -25.74 18.44
CA LYS C 262 -18.49 -24.44 19.03
C LYS C 262 -17.19 -23.67 18.88
N PRO C 263 -17.26 -22.44 18.38
CA PRO C 263 -16.03 -21.66 18.22
C PRO C 263 -15.49 -21.27 19.59
N VAL C 264 -14.21 -20.91 19.67
CA VAL C 264 -13.66 -20.46 20.94
C VAL C 264 -14.04 -18.99 20.99
N VAL C 265 -14.47 -18.53 22.16
CA VAL C 265 -14.91 -17.16 22.31
C VAL C 265 -14.15 -16.45 23.41
N GLY C 266 -13.86 -15.18 23.19
CA GLY C 266 -13.15 -14.40 24.19
C GLY C 266 -13.49 -12.93 24.04
N SER C 267 -12.78 -12.08 24.75
CA SER C 267 -13.03 -10.65 24.66
C SER C 267 -11.72 -9.89 24.75
N TYR C 268 -11.68 -8.72 24.13
CA TYR C 268 -10.50 -7.87 24.15
C TYR C 268 -10.95 -6.43 24.14
N ARG C 269 -10.76 -5.77 25.29
CA ARG C 269 -11.13 -4.38 25.46
C ARG C 269 -12.54 -4.05 24.96
N GLY C 270 -13.51 -4.89 25.33
CA GLY C 270 -14.88 -4.63 24.93
C GLY C 270 -15.38 -5.39 23.72
N TYR C 271 -14.47 -5.75 22.82
CA TYR C 271 -14.85 -6.47 21.61
C TYR C 271 -14.85 -7.97 21.85
N LYS C 272 -15.79 -8.66 21.24
CA LYS C 272 -15.91 -10.11 21.36
C LYS C 272 -15.08 -10.78 20.27
N ILE C 273 -14.32 -11.80 20.64
CA ILE C 273 -13.47 -12.53 19.70
C ILE C 273 -14.00 -13.93 19.42
N ILE C 274 -14.40 -14.18 18.18
CA ILE C 274 -14.93 -15.48 17.78
C ILE C 274 -13.90 -16.12 16.86
N SER C 275 -13.36 -17.28 17.24
CA SER C 275 -12.37 -17.93 16.41
C SER C 275 -12.48 -19.44 16.40
N MET C 276 -11.58 -20.11 15.69
CA MET C 276 -11.62 -21.56 15.56
C MET C 276 -11.07 -22.33 16.74
N SER C 277 -11.85 -23.33 17.15
CA SER C 277 -11.50 -24.21 18.25
C SER C 277 -10.76 -25.45 17.72
N PRO C 278 -10.35 -26.36 18.61
CA PRO C 278 -9.65 -27.56 18.11
C PRO C 278 -10.53 -28.23 17.04
N PRO C 279 -9.92 -28.95 16.08
CA PRO C 279 -8.51 -29.27 15.83
C PRO C 279 -7.54 -28.14 15.48
N SER C 280 -7.99 -26.89 15.55
CA SER C 280 -7.08 -25.80 15.29
C SER C 280 -6.66 -25.24 16.65
N SER C 281 -5.41 -24.81 16.75
CA SER C 281 -4.91 -24.24 17.99
C SER C 281 -4.96 -22.72 17.85
N GLY C 282 -5.22 -22.27 16.62
CA GLY C 282 -5.24 -20.86 16.31
C GLY C 282 -6.10 -19.95 17.18
N GLY C 283 -7.40 -20.20 17.20
CA GLY C 283 -8.29 -19.36 18.00
C GLY C 283 -7.93 -19.34 19.47
N THR C 284 -7.54 -20.50 20.00
CA THR C 284 -7.19 -20.61 21.41
C THR C 284 -6.00 -19.76 21.80
N HIS C 285 -4.91 -19.85 21.05
CA HIS C 285 -3.74 -19.06 21.39
C HIS C 285 -3.92 -17.59 21.03
N LEU C 286 -4.75 -17.31 20.04
CA LEU C 286 -5.01 -15.93 19.65
C LEU C 286 -5.68 -15.22 20.84
N ILE C 287 -6.74 -15.83 21.36
CA ILE C 287 -7.48 -15.28 22.50
C ILE C 287 -6.57 -15.24 23.72
N GLN C 288 -5.77 -16.29 23.89
CA GLN C 288 -4.84 -16.38 25.02
C GLN C 288 -3.83 -15.23 24.99
N ILE C 289 -3.19 -15.03 23.85
CA ILE C 289 -2.17 -13.99 23.70
C ILE C 289 -2.79 -12.61 23.86
N LEU C 290 -3.96 -12.39 23.25
CA LEU C 290 -4.62 -11.11 23.41
C LEU C 290 -4.99 -10.91 24.90
N ASN C 291 -5.35 -11.98 25.59
CA ASN C 291 -5.70 -11.85 27.01
C ASN C 291 -4.51 -11.34 27.82
N VAL C 292 -3.32 -11.79 27.48
CA VAL C 292 -2.12 -11.35 28.19
C VAL C 292 -1.87 -9.87 27.89
N MET C 293 -1.95 -9.51 26.61
CA MET C 293 -1.75 -8.14 26.17
C MET C 293 -2.73 -7.16 26.80
N GLU C 294 -3.96 -7.62 27.03
CA GLU C 294 -5.02 -6.80 27.61
C GLU C 294 -4.67 -6.17 28.96
N ASN C 295 -3.65 -6.73 29.62
CA ASN C 295 -3.20 -6.24 30.92
C ASN C 295 -2.29 -5.04 30.81
N ALA C 296 -1.99 -4.65 29.57
CA ALA C 296 -1.14 -3.49 29.34
C ALA C 296 -1.91 -2.48 28.52
N ASP C 297 -1.55 -1.21 28.65
CA ASP C 297 -2.21 -0.15 27.89
C ASP C 297 -1.31 0.09 26.68
N LEU C 298 -1.49 -0.72 25.65
CA LEU C 298 -0.68 -0.60 24.45
C LEU C 298 -0.89 0.74 23.74
N SER C 299 -2.11 1.26 23.82
CA SER C 299 -2.43 2.54 23.18
C SER C 299 -1.47 3.64 23.67
N ALA C 300 -1.09 3.55 24.93
CA ALA C 300 -0.20 4.54 25.54
C ALA C 300 1.03 4.87 24.69
N LEU C 301 1.77 3.86 24.27
CA LEU C 301 2.96 4.11 23.46
C LEU C 301 2.73 4.02 21.96
N GLY C 302 1.65 3.36 21.56
CA GLY C 302 1.34 3.25 20.14
C GLY C 302 2.04 2.13 19.40
N TYR C 303 1.70 1.98 18.12
CA TYR C 303 2.26 0.96 17.26
C TYR C 303 3.78 0.96 17.17
N GLY C 304 4.36 -0.24 17.20
CA GLY C 304 5.81 -0.39 17.05
C GLY C 304 6.75 -0.09 18.21
N ALA C 305 6.22 0.24 19.39
CA ALA C 305 7.06 0.54 20.55
C ALA C 305 7.64 -0.75 21.10
N SER C 306 8.94 -0.76 21.36
CA SER C 306 9.56 -1.98 21.87
C SER C 306 8.87 -2.45 23.15
N LYS C 307 8.38 -1.50 23.96
CA LYS C 307 7.70 -1.86 25.19
C LYS C 307 6.45 -2.71 24.93
N ASN C 308 5.72 -2.38 23.87
CA ASN C 308 4.49 -3.10 23.52
C ASN C 308 4.80 -4.43 22.84
N ILE C 309 5.82 -4.43 22.00
CA ILE C 309 6.23 -5.64 21.29
C ILE C 309 6.72 -6.67 22.29
N HIS C 310 7.44 -6.20 23.31
CA HIS C 310 7.96 -7.09 24.36
C HIS C 310 6.84 -7.87 25.05
N ILE C 311 5.77 -7.18 25.42
CA ILE C 311 4.65 -7.84 26.09
C ILE C 311 3.95 -8.85 25.18
N ALA C 312 3.73 -8.46 23.93
CA ALA C 312 3.07 -9.35 22.98
C ALA C 312 3.97 -10.56 22.70
N ALA C 313 5.27 -10.31 22.51
CA ALA C 313 6.23 -11.36 22.22
C ALA C 313 6.42 -12.37 23.35
N GLU C 314 6.46 -11.91 24.59
CA GLU C 314 6.63 -12.85 25.71
C GLU C 314 5.34 -13.64 25.92
N ALA C 315 4.21 -13.04 25.56
CA ALA C 315 2.92 -13.72 25.67
C ALA C 315 2.92 -14.81 24.60
N MET C 316 3.38 -14.46 23.41
CA MET C 316 3.46 -15.42 22.30
C MET C 316 4.37 -16.59 22.69
N ARG C 317 5.50 -16.27 23.32
CA ARG C 317 6.47 -17.29 23.70
C ARG C 317 5.82 -18.34 24.59
N GLN C 318 5.08 -17.90 25.59
CA GLN C 318 4.43 -18.84 26.50
C GLN C 318 3.33 -19.64 25.78
N ALA C 319 2.55 -18.94 24.95
CA ALA C 319 1.47 -19.59 24.21
C ALA C 319 1.95 -20.74 23.32
N TYR C 320 2.99 -20.52 22.52
CA TYR C 320 3.50 -21.60 21.67
C TYR C 320 4.13 -22.73 22.49
N ALA C 321 4.70 -22.39 23.65
CA ALA C 321 5.29 -23.44 24.48
C ALA C 321 4.11 -24.33 24.91
N ASP C 322 3.02 -23.69 25.32
CA ASP C 322 1.82 -24.43 25.74
C ASP C 322 1.32 -25.31 24.61
N ARG C 323 1.31 -24.74 23.40
CA ARG C 323 0.86 -25.43 22.20
C ARG C 323 1.56 -26.77 21.98
N SER C 324 2.87 -26.77 22.16
CA SER C 324 3.68 -27.97 21.94
C SER C 324 3.34 -29.16 22.83
N VAL C 325 2.61 -28.91 23.92
CA VAL C 325 2.24 -29.98 24.85
C VAL C 325 0.74 -30.23 24.97
N TYR C 326 -0.04 -29.16 25.03
CA TYR C 326 -1.47 -29.28 25.24
C TYR C 326 -2.40 -29.26 24.03
N MET C 327 -1.87 -29.07 22.83
CA MET C 327 -2.74 -29.00 21.66
C MET C 327 -2.78 -30.20 20.73
N GLY C 328 -4.00 -30.55 20.32
CA GLY C 328 -4.21 -31.66 19.41
C GLY C 328 -5.69 -31.73 19.11
N ASP C 329 -6.10 -32.72 18.32
CA ASP C 329 -7.50 -32.91 17.97
C ASP C 329 -8.18 -33.31 19.29
N ALA C 330 -9.01 -32.42 19.82
CA ALA C 330 -9.70 -32.65 21.08
C ALA C 330 -10.64 -33.86 21.11
N ASP C 331 -10.94 -34.43 19.95
CA ASP C 331 -11.81 -35.60 19.88
C ASP C 331 -11.00 -36.82 20.30
N PHE C 332 -9.68 -36.71 20.19
CA PHE C 332 -8.78 -37.82 20.50
C PHE C 332 -7.93 -37.61 21.75
N VAL C 333 -7.67 -36.36 22.12
CA VAL C 333 -6.87 -36.09 23.30
C VAL C 333 -7.53 -35.00 24.12
N SER C 334 -7.17 -34.96 25.40
CA SER C 334 -7.72 -33.97 26.30
C SER C 334 -7.02 -32.63 26.07
N VAL C 335 -7.79 -31.63 25.65
CA VAL C 335 -7.26 -30.30 25.40
C VAL C 335 -7.93 -29.31 26.35
N PRO C 336 -7.14 -28.69 27.24
CA PRO C 336 -7.64 -27.71 28.21
C PRO C 336 -7.92 -26.33 27.63
N VAL C 337 -8.79 -26.29 26.62
CA VAL C 337 -9.14 -25.03 25.98
C VAL C 337 -9.62 -23.94 26.93
N ASP C 338 -10.60 -24.26 27.77
CA ASP C 338 -11.13 -23.27 28.70
C ASP C 338 -10.09 -22.65 29.63
N LYS C 339 -9.11 -23.43 30.05
CA LYS C 339 -8.06 -22.91 30.92
C LYS C 339 -7.08 -22.04 30.14
N LEU C 340 -6.82 -22.41 28.88
CA LEU C 340 -5.91 -21.65 28.04
C LEU C 340 -6.44 -20.27 27.66
N ILE C 341 -7.76 -20.14 27.59
CA ILE C 341 -8.35 -18.87 27.23
C ILE C 341 -8.89 -18.11 28.43
N ASN C 342 -8.65 -18.64 29.64
CA ASN C 342 -9.11 -18.01 30.87
C ASN C 342 -8.26 -16.78 31.14
N LYS C 343 -8.89 -15.64 31.39
CA LYS C 343 -8.16 -14.43 31.67
C LYS C 343 -7.32 -14.54 32.94
N ALA C 344 -7.66 -15.48 33.81
CA ALA C 344 -6.92 -15.68 35.05
C ALA C 344 -5.53 -16.23 34.73
N TYR C 345 -5.49 -17.18 33.81
CA TYR C 345 -4.24 -17.77 33.39
C TYR C 345 -3.42 -16.71 32.65
N ALA C 346 -4.09 -15.90 31.84
CA ALA C 346 -3.41 -14.84 31.10
C ALA C 346 -2.79 -13.81 32.04
N LYS C 347 -3.48 -13.53 33.15
CA LYS C 347 -2.98 -12.57 34.12
C LYS C 347 -1.70 -13.10 34.78
N LYS C 348 -1.67 -14.40 35.04
CA LYS C 348 -0.51 -15.03 35.66
C LYS C 348 0.69 -14.97 34.71
N ILE C 349 0.43 -15.17 33.42
CA ILE C 349 1.49 -15.12 32.41
C ILE C 349 2.03 -13.69 32.38
N PHE C 350 1.12 -12.72 32.36
CA PHE C 350 1.49 -11.32 32.33
C PHE C 350 2.40 -10.97 33.51
N ASP C 351 2.03 -11.43 34.70
CA ASP C 351 2.81 -11.16 35.89
C ASP C 351 4.23 -11.73 35.83
N THR C 352 4.43 -12.82 35.09
CA THR C 352 5.76 -13.43 34.98
C THR C 352 6.65 -12.61 34.05
N ILE C 353 6.02 -11.86 33.15
CA ILE C 353 6.78 -11.03 32.22
C ILE C 353 7.52 -9.96 32.99
N GLN C 354 8.84 -10.00 32.91
CA GLN C 354 9.68 -9.03 33.60
C GLN C 354 9.96 -7.85 32.69
N PRO C 355 9.92 -6.62 33.25
CA PRO C 355 10.18 -5.45 32.42
C PRO C 355 11.60 -5.48 31.87
N ASP C 356 11.77 -4.99 30.65
CA ASP C 356 13.08 -4.91 30.00
C ASP C 356 13.86 -6.20 29.76
N THR C 357 13.29 -7.35 30.09
CA THR C 357 14.01 -8.59 29.84
C THR C 357 13.09 -9.74 29.42
N VAL C 358 13.62 -10.60 28.56
CA VAL C 358 12.86 -11.73 28.09
C VAL C 358 13.14 -12.95 28.95
N THR C 359 12.33 -13.99 28.77
CA THR C 359 12.54 -15.24 29.47
C THR C 359 13.01 -16.17 28.37
N PRO C 360 14.27 -16.62 28.44
CA PRO C 360 14.76 -17.53 27.40
C PRO C 360 13.82 -18.71 27.23
N SER C 361 13.60 -19.13 25.98
CA SER C 361 12.69 -20.24 25.74
C SER C 361 13.08 -21.52 26.48
N SER C 362 14.38 -21.69 26.73
CA SER C 362 14.85 -22.87 27.43
C SER C 362 14.32 -22.89 28.86
N GLN C 363 13.94 -21.71 29.36
CA GLN C 363 13.43 -21.58 30.73
C GLN C 363 11.91 -21.57 30.83
N ILE C 364 11.23 -21.51 29.69
CA ILE C 364 9.77 -21.49 29.68
C ILE C 364 9.19 -22.86 30.02
N LYS C 365 8.14 -22.89 30.83
CA LYS C 365 7.52 -24.14 31.20
C LYS C 365 6.11 -24.18 30.64
N PRO C 366 5.83 -25.13 29.75
CA PRO C 366 4.48 -25.22 29.17
C PRO C 366 3.47 -25.31 30.31
N GLY C 367 2.43 -24.49 30.26
CA GLY C 367 1.41 -24.51 31.29
C GLY C 367 1.69 -23.66 32.52
N MET C 368 2.96 -23.32 32.76
CA MET C 368 3.34 -22.52 33.92
C MET C 368 2.84 -23.11 35.22
N GLY C 369 2.57 -24.41 35.24
CA GLY C 369 2.08 -25.03 36.46
C GLY C 369 0.62 -24.73 36.72
N GLN C 370 -0.10 -24.31 35.67
CA GLN C 370 -1.52 -23.98 35.78
C GLN C 370 -2.39 -24.98 35.04
N LEU C 371 -1.78 -25.83 34.23
CA LEU C 371 -2.53 -26.81 33.45
C LEU C 371 -2.28 -28.25 33.90
N HIS C 372 -2.06 -28.42 35.20
CA HIS C 372 -1.83 -29.74 35.77
C HIS C 372 -3.13 -30.29 36.33
N GLU C 373 -3.66 -31.32 35.69
CA GLU C 373 -4.91 -31.93 36.12
C GLU C 373 -4.58 -33.09 37.07
N GLY C 374 -3.94 -32.76 38.18
CA GLY C 374 -3.55 -33.78 39.14
C GLY C 374 -2.14 -34.23 38.82
N SER C 375 -1.94 -35.55 38.79
CA SER C 375 -0.63 -36.12 38.49
C SER C 375 -0.53 -36.52 37.01
N ASN C 376 -1.56 -36.16 36.24
CA ASN C 376 -1.58 -36.49 34.82
C ASN C 376 -0.56 -35.68 34.03
N THR D 1 -1.67 -22.13 2.03
CA THR D 1 -2.90 -21.73 2.76
C THR D 1 -3.42 -20.41 2.19
N THR D 2 -4.71 -20.16 2.36
CA THR D 2 -5.29 -18.91 1.87
C THR D 2 -6.55 -18.62 2.67
N HIS D 3 -6.85 -17.34 2.85
CA HIS D 3 -8.00 -16.95 3.63
C HIS D 3 -8.90 -15.99 2.87
N TYR D 4 -10.21 -16.14 3.06
CA TYR D 4 -11.15 -15.22 2.43
C TYR D 4 -12.25 -14.91 3.44
N SER D 5 -12.70 -13.66 3.40
CA SER D 5 -13.71 -13.17 4.31
C SER D 5 -14.92 -12.65 3.55
N VAL D 6 -16.11 -12.90 4.10
CA VAL D 6 -17.36 -12.45 3.47
C VAL D 6 -18.33 -11.90 4.53
N ALA D 7 -19.00 -10.80 4.21
CA ALA D 7 -19.97 -10.19 5.11
C ALA D 7 -21.10 -9.66 4.23
N ASP D 8 -22.34 -10.02 4.55
CA ASP D 8 -23.48 -9.58 3.74
C ASP D 8 -24.34 -8.52 4.42
N ARG D 9 -25.33 -8.04 3.70
CA ARG D 9 -26.23 -6.99 4.19
C ARG D 9 -27.21 -7.42 5.28
N TRP D 10 -27.35 -8.73 5.48
CA TRP D 10 -28.26 -9.23 6.51
C TRP D 10 -27.57 -9.30 7.88
N GLY D 11 -26.25 -9.23 7.88
CA GLY D 11 -25.52 -9.30 9.14
C GLY D 11 -24.70 -10.57 9.30
N ASN D 12 -24.71 -11.42 8.28
CA ASN D 12 -23.94 -12.66 8.34
C ASN D 12 -22.49 -12.34 8.00
N ALA D 13 -21.58 -13.14 8.53
CA ALA D 13 -20.16 -12.98 8.27
C ALA D 13 -19.56 -14.37 8.24
N VAL D 14 -18.73 -14.64 7.24
CA VAL D 14 -18.10 -15.95 7.09
C VAL D 14 -16.60 -15.75 6.91
N SER D 15 -15.82 -16.37 7.78
CA SER D 15 -14.36 -16.26 7.74
C SER D 15 -13.86 -17.67 7.44
N VAL D 16 -13.25 -17.86 6.28
CA VAL D 16 -12.78 -19.18 5.89
C VAL D 16 -11.27 -19.22 5.60
N THR D 17 -10.58 -20.16 6.22
CA THR D 17 -9.16 -20.34 5.95
C THR D 17 -9.07 -21.80 5.55
N TYR D 18 -8.54 -22.09 4.37
CA TYR D 18 -8.41 -23.48 3.97
C TYR D 18 -7.10 -23.68 3.23
N THR D 19 -6.70 -24.93 3.01
CA THR D 19 -5.37 -25.13 2.46
C THR D 19 -5.09 -26.58 2.05
N ILE D 20 -3.92 -26.77 1.44
CA ILE D 20 -3.45 -28.11 1.11
C ILE D 20 -2.08 -28.18 1.81
N ASN D 21 -1.91 -27.25 2.75
CA ASN D 21 -0.72 -27.05 3.58
C ASN D 21 0.40 -26.26 2.89
N ALA D 22 1.43 -26.95 2.41
CA ALA D 22 2.53 -26.28 1.73
C ALA D 22 2.05 -25.70 0.39
N SER D 23 2.91 -24.90 -0.23
CA SER D 23 2.59 -24.32 -1.52
C SER D 23 2.40 -25.51 -2.46
N TYR D 24 1.20 -25.65 -3.00
CA TYR D 24 0.87 -26.77 -3.90
C TYR D 24 0.81 -28.11 -3.16
N GLY D 25 0.67 -28.03 -1.84
CA GLY D 25 0.55 -29.21 -1.01
C GLY D 25 1.66 -30.23 -1.17
N SER D 26 1.27 -31.48 -1.41
CA SER D 26 2.21 -32.60 -1.57
C SER D 26 2.86 -32.55 -2.95
N ALA D 27 2.36 -31.66 -3.81
CA ALA D 27 2.86 -31.50 -5.19
C ALA D 27 2.40 -32.66 -6.07
N ALA D 28 1.67 -33.61 -5.49
CA ALA D 28 1.15 -34.75 -6.22
C ALA D 28 -0.34 -34.56 -6.48
N SER D 29 -0.77 -34.84 -7.72
CA SER D 29 -2.17 -34.68 -8.09
C SER D 29 -2.85 -36.03 -8.33
N ILE D 30 -4.18 -36.05 -8.26
CA ILE D 30 -4.90 -37.29 -8.49
C ILE D 30 -5.10 -37.39 -10.01
N ASP D 31 -4.39 -38.33 -10.61
CA ASP D 31 -4.46 -38.53 -12.05
C ASP D 31 -5.89 -38.78 -12.50
N GLY D 32 -6.34 -37.97 -13.46
CA GLY D 32 -7.70 -38.10 -13.97
C GLY D 32 -8.69 -37.16 -13.30
N ALA D 33 -8.29 -36.54 -12.19
CA ALA D 33 -9.18 -35.64 -11.44
C ALA D 33 -8.73 -34.18 -11.46
N GLY D 34 -7.48 -33.93 -11.85
CA GLY D 34 -6.97 -32.59 -11.94
C GLY D 34 -6.72 -31.77 -10.67
N PHE D 35 -6.70 -32.40 -9.51
CA PHE D 35 -6.45 -31.62 -8.30
C PHE D 35 -5.26 -32.11 -7.47
N LEU D 36 -4.61 -31.16 -6.80
CA LEU D 36 -3.46 -31.44 -5.96
C LEU D 36 -3.86 -31.97 -4.59
N LEU D 37 -3.11 -32.96 -4.11
CA LEU D 37 -3.34 -33.55 -2.79
C LEU D 37 -2.62 -32.71 -1.76
N ASN D 38 -3.23 -32.56 -0.60
CA ASN D 38 -2.65 -31.81 0.50
C ASN D 38 -1.47 -32.61 1.07
N ASN D 39 -0.60 -31.96 1.85
CA ASN D 39 0.46 -32.70 2.54
C ASN D 39 0.25 -32.34 4.00
N GLU D 40 -1.03 -32.42 4.41
CA GLU D 40 -1.46 -32.09 5.77
C GLU D 40 -0.96 -33.03 6.87
N MET D 41 -0.50 -34.22 6.51
CA MET D 41 -0.01 -35.14 7.54
C MET D 41 1.20 -34.56 8.29
N ASP D 42 1.91 -33.62 7.67
CA ASP D 42 3.07 -32.98 8.29
C ASP D 42 2.69 -32.07 9.45
N ASP D 43 1.40 -31.72 9.52
CA ASP D 43 0.92 -30.86 10.62
C ASP D 43 0.80 -31.67 11.90
N PHE D 44 1.03 -32.98 11.78
CA PHE D 44 1.03 -33.88 12.92
C PHE D 44 2.46 -33.84 13.45
N SER D 45 2.66 -34.36 14.66
CA SER D 45 4.02 -34.48 15.19
C SER D 45 4.32 -35.90 14.74
N ILE D 46 5.27 -36.07 13.84
CA ILE D 46 5.58 -37.41 13.35
C ILE D 46 6.63 -38.12 14.20
N LYS D 47 7.17 -37.37 15.17
CA LYS D 47 8.17 -37.89 16.09
C LYS D 47 8.31 -36.85 17.20
N PRO D 48 8.25 -37.29 18.47
CA PRO D 48 8.37 -36.33 19.57
C PRO D 48 9.57 -35.40 19.41
N GLY D 49 9.31 -34.10 19.48
CA GLY D 49 10.39 -33.12 19.37
C GLY D 49 10.85 -32.75 17.97
N ASN D 50 10.39 -33.48 16.95
CA ASN D 50 10.79 -33.16 15.58
C ASN D 50 10.04 -31.93 15.07
N PRO D 51 10.78 -30.91 14.60
CA PRO D 51 10.14 -29.70 14.09
C PRO D 51 9.59 -29.90 12.69
N ASN D 52 8.31 -29.56 12.48
CA ASN D 52 7.70 -29.72 11.16
C ASN D 52 8.08 -28.54 10.26
N LEU D 53 7.41 -28.43 9.12
CA LEU D 53 7.71 -27.36 8.15
C LEU D 53 7.69 -25.94 8.73
N TYR D 54 6.96 -25.73 9.82
CA TYR D 54 6.88 -24.41 10.44
C TYR D 54 7.63 -24.32 11.76
N GLY D 55 8.52 -25.28 12.01
CA GLY D 55 9.30 -25.29 13.23
C GLY D 55 8.49 -25.63 14.46
N LEU D 56 7.30 -26.19 14.26
CA LEU D 56 6.44 -26.56 15.39
C LEU D 56 6.82 -27.94 15.86
N VAL D 57 6.66 -28.19 17.16
CA VAL D 57 6.98 -29.49 17.74
C VAL D 57 5.81 -30.00 18.56
N GLY D 58 5.85 -31.28 18.92
CA GLY D 58 4.77 -31.85 19.69
C GLY D 58 5.15 -33.13 20.41
N GLY D 59 4.14 -33.78 20.98
CA GLY D 59 4.36 -35.03 21.69
C GLY D 59 3.19 -35.98 21.48
N ASP D 60 2.49 -36.31 22.55
CA ASP D 60 1.36 -37.22 22.47
C ASP D 60 0.10 -36.58 21.88
N ALA D 61 -0.27 -35.41 22.39
CA ALA D 61 -1.47 -34.70 21.94
C ALA D 61 -1.63 -34.61 20.43
N ASN D 62 -0.57 -34.24 19.73
CA ASN D 62 -0.64 -34.12 18.28
C ASN D 62 0.05 -35.24 17.51
N ALA D 63 0.12 -36.43 18.12
CA ALA D 63 0.72 -37.57 17.47
C ALA D 63 -0.29 -38.15 16.48
N ILE D 64 0.18 -38.91 15.50
CA ILE D 64 -0.70 -39.50 14.50
C ILE D 64 -1.55 -40.62 15.09
N GLU D 65 -2.80 -40.67 14.65
CA GLU D 65 -3.76 -41.68 15.07
C GLU D 65 -4.76 -41.77 13.92
N ALA D 66 -5.17 -42.99 13.55
CA ALA D 66 -6.11 -43.15 12.45
C ALA D 66 -7.36 -42.28 12.68
N ASN D 67 -7.81 -41.62 11.62
CA ASN D 67 -9.01 -40.78 11.64
C ASN D 67 -8.89 -39.46 12.40
N LYS D 68 -7.78 -39.26 13.08
CA LYS D 68 -7.55 -38.04 13.85
C LYS D 68 -7.22 -36.88 12.91
N ARG D 69 -7.53 -35.66 13.33
CA ARG D 69 -7.26 -34.47 12.51
C ARG D 69 -6.00 -33.80 13.00
N PRO D 70 -5.03 -33.57 12.09
CA PRO D 70 -3.79 -32.92 12.51
C PRO D 70 -4.03 -31.49 13.01
N LEU D 71 -3.28 -31.12 14.05
CA LEU D 71 -3.41 -29.79 14.64
C LEU D 71 -3.08 -28.71 13.62
N SER D 72 -3.89 -27.66 13.59
CA SER D 72 -3.70 -26.54 12.69
C SER D 72 -3.44 -25.24 13.45
N SER D 73 -2.96 -24.22 12.74
CA SER D 73 -2.73 -22.91 13.32
C SER D 73 -3.70 -21.94 12.69
N MET D 74 -4.52 -22.43 11.76
CA MET D 74 -5.48 -21.57 11.07
C MET D 74 -6.39 -20.87 12.07
N SER D 75 -6.49 -19.56 11.89
CA SER D 75 -7.24 -18.71 12.79
C SER D 75 -8.30 -17.83 12.14
N PRO D 76 -9.24 -18.42 11.39
CA PRO D 76 -10.27 -17.57 10.79
C PRO D 76 -11.01 -16.96 11.98
N THR D 77 -11.15 -15.65 11.98
CA THR D 77 -11.75 -14.96 13.12
C THR D 77 -12.78 -13.88 12.77
N ILE D 78 -13.69 -13.64 13.71
CA ILE D 78 -14.71 -12.62 13.55
C ILE D 78 -14.73 -11.82 14.85
N VAL D 79 -14.61 -10.50 14.74
CA VAL D 79 -14.63 -9.64 15.91
C VAL D 79 -15.98 -8.92 15.94
N LEU D 80 -16.60 -8.87 17.12
CA LEU D 80 -17.89 -8.21 17.26
C LEU D 80 -17.81 -7.10 18.30
N LYS D 81 -18.69 -6.11 18.14
CA LYS D 81 -18.79 -5.01 19.10
C LYS D 81 -20.28 -4.78 19.29
N ASN D 82 -20.85 -5.53 20.23
CA ASN D 82 -22.28 -5.49 20.57
C ASN D 82 -23.01 -6.55 19.76
N ASN D 83 -22.38 -7.72 19.63
CA ASN D 83 -22.95 -8.83 18.87
C ASN D 83 -23.21 -8.44 17.42
N LYS D 84 -22.51 -7.39 16.99
CA LYS D 84 -22.59 -6.89 15.63
C LYS D 84 -21.19 -7.02 15.01
N VAL D 85 -21.12 -7.53 13.79
CA VAL D 85 -19.85 -7.72 13.11
C VAL D 85 -19.03 -6.44 13.04
N PHE D 86 -17.79 -6.53 13.50
CA PHE D 86 -16.86 -5.41 13.49
C PHE D 86 -15.69 -5.72 12.55
N LEU D 87 -15.16 -6.94 12.65
CA LEU D 87 -14.04 -7.36 11.80
C LEU D 87 -14.22 -8.82 11.39
N VAL D 88 -13.78 -9.13 10.17
CA VAL D 88 -13.80 -10.50 9.65
C VAL D 88 -12.34 -10.58 9.17
N VAL D 89 -11.54 -11.41 9.81
CA VAL D 89 -10.12 -11.48 9.48
C VAL D 89 -9.52 -12.88 9.54
N GLY D 90 -8.46 -13.10 8.77
CA GLY D 90 -7.80 -14.40 8.76
C GLY D 90 -6.57 -14.33 7.90
N SER D 91 -5.75 -15.38 7.89
CA SER D 91 -4.54 -15.34 7.09
C SER D 91 -3.86 -16.69 6.98
N PRO D 92 -3.00 -16.85 5.96
CA PRO D 92 -2.24 -18.09 5.74
C PRO D 92 -0.88 -17.82 6.40
N GLY D 93 0.00 -18.82 6.41
CA GLY D 93 1.31 -18.59 6.99
C GLY D 93 1.76 -19.58 8.05
N GLY D 94 1.17 -20.77 8.03
CA GLY D 94 1.52 -21.80 9.01
C GLY D 94 1.50 -21.30 10.44
N SER D 95 2.58 -21.58 11.17
CA SER D 95 2.71 -21.17 12.56
C SER D 95 2.52 -19.66 12.73
N ARG D 96 2.85 -18.87 11.70
CA ARG D 96 2.72 -17.42 11.81
C ARG D 96 1.31 -16.88 11.70
N ILE D 97 0.35 -17.74 11.38
CA ILE D 97 -1.02 -17.31 11.25
C ILE D 97 -1.54 -16.67 12.53
N ILE D 98 -1.34 -17.35 13.65
CA ILE D 98 -1.83 -16.86 14.93
C ILE D 98 -1.38 -15.44 15.25
N THR D 99 -0.09 -15.19 15.10
CA THR D 99 0.45 -13.88 15.41
C THR D 99 0.05 -12.83 14.38
N THR D 100 -0.01 -13.23 13.10
CA THR D 100 -0.41 -12.26 12.08
C THR D 100 -1.82 -11.74 12.36
N VAL D 101 -2.77 -12.65 12.58
CA VAL D 101 -4.14 -12.26 12.83
C VAL D 101 -4.31 -11.40 14.08
N LEU D 102 -3.67 -11.76 15.19
CA LEU D 102 -3.82 -10.96 16.40
C LEU D 102 -3.21 -9.57 16.24
N GLN D 103 -2.15 -9.44 15.45
CA GLN D 103 -1.56 -8.11 15.27
C GLN D 103 -2.49 -7.20 14.48
N VAL D 104 -3.18 -7.75 13.48
CA VAL D 104 -4.12 -6.94 12.71
C VAL D 104 -5.23 -6.49 13.66
N ILE D 105 -5.78 -7.42 14.42
CA ILE D 105 -6.84 -7.07 15.38
C ILE D 105 -6.35 -5.99 16.34
N SER D 106 -5.15 -6.19 16.87
CA SER D 106 -4.54 -5.25 17.81
C SER D 106 -4.36 -3.87 17.18
N ASN D 107 -3.87 -3.85 15.94
CA ASN D 107 -3.66 -2.58 15.26
C ASN D 107 -4.93 -1.76 15.18
N VAL D 108 -6.06 -2.42 15.00
CA VAL D 108 -7.34 -1.71 14.93
C VAL D 108 -7.79 -1.27 16.32
N ILE D 109 -7.97 -2.25 17.22
CA ILE D 109 -8.42 -1.97 18.58
C ILE D 109 -7.47 -1.16 19.45
N ASP D 110 -6.18 -1.49 19.45
CA ASP D 110 -5.22 -0.76 20.27
C ASP D 110 -4.71 0.55 19.67
N TYR D 111 -4.41 0.54 18.38
CA TYR D 111 -3.85 1.73 17.76
C TYR D 111 -4.79 2.51 16.84
N ASN D 112 -6.04 2.10 16.80
CA ASN D 112 -7.07 2.76 15.99
C ASN D 112 -6.69 2.95 14.52
N MET D 113 -6.09 1.93 13.91
CA MET D 113 -5.74 2.02 12.51
C MET D 113 -6.99 1.61 11.73
N ASN D 114 -7.15 2.08 10.50
CA ASN D 114 -8.29 1.61 9.74
C ASN D 114 -7.83 0.23 9.23
N ILE D 115 -8.72 -0.57 8.66
CA ILE D 115 -8.35 -1.91 8.22
C ILE D 115 -7.19 -1.98 7.22
N SER D 116 -7.08 -1.00 6.33
CA SER D 116 -6.00 -1.00 5.36
C SER D 116 -4.66 -0.82 6.08
N GLU D 117 -4.62 0.15 6.98
CA GLU D 117 -3.40 0.43 7.74
C GLU D 117 -3.05 -0.76 8.62
N ALA D 118 -4.06 -1.35 9.23
CA ALA D 118 -3.87 -2.48 10.13
C ALA D 118 -3.22 -3.66 9.42
N VAL D 119 -3.65 -3.91 8.19
CA VAL D 119 -3.14 -5.01 7.38
C VAL D 119 -1.73 -4.73 6.84
N SER D 120 -1.50 -3.50 6.40
CA SER D 120 -0.21 -3.12 5.85
C SER D 120 0.92 -2.99 6.88
N ALA D 121 0.58 -2.65 8.12
CA ALA D 121 1.61 -2.47 9.14
C ALA D 121 2.56 -3.68 9.28
N PRO D 122 3.87 -3.42 9.43
CA PRO D 122 4.86 -4.50 9.57
C PRO D 122 4.47 -5.44 10.72
N ARG D 123 4.82 -6.72 10.61
CA ARG D 123 4.47 -7.69 11.64
C ARG D 123 5.70 -8.37 12.22
N PHE D 124 5.62 -8.80 13.47
CA PHE D 124 6.72 -9.53 14.11
C PHE D 124 6.17 -10.90 14.52
N HIS D 125 7.04 -11.81 14.94
CA HIS D 125 6.62 -13.16 15.29
C HIS D 125 7.58 -13.84 16.26
N MET D 126 7.01 -14.48 17.28
CA MET D 126 7.77 -15.23 18.28
C MET D 126 7.03 -16.54 18.47
N GLN D 127 7.69 -17.68 18.22
CA GLN D 127 7.01 -18.95 18.39
C GLN D 127 7.72 -19.88 19.37
N TRP D 128 8.44 -19.28 20.32
CA TRP D 128 9.16 -20.01 21.37
C TRP D 128 10.37 -20.78 20.83
N LEU D 129 10.14 -21.66 19.85
CA LEU D 129 11.20 -22.41 19.20
C LEU D 129 10.94 -22.31 17.69
N PRO D 130 11.90 -21.77 16.93
CA PRO D 130 13.20 -21.26 17.40
C PRO D 130 13.03 -20.03 18.29
N ASP D 131 13.99 -19.83 19.20
CA ASP D 131 13.96 -18.69 20.11
C ASP D 131 14.49 -17.47 19.37
N GLU D 132 13.62 -16.81 18.62
CA GLU D 132 14.01 -15.64 17.83
C GLU D 132 12.81 -14.75 17.60
N LEU D 133 13.07 -13.46 17.41
CA LEU D 133 12.00 -12.52 17.14
C LEU D 133 12.08 -12.23 15.64
N ARG D 134 11.16 -12.84 14.91
CA ARG D 134 11.08 -12.71 13.46
C ARG D 134 10.40 -11.41 13.04
N ILE D 135 11.05 -10.66 12.15
CA ILE D 135 10.52 -9.41 11.63
C ILE D 135 10.58 -9.38 10.10
N GLU D 136 10.07 -8.30 9.52
CA GLU D 136 10.04 -8.14 8.07
C GLU D 136 10.95 -6.98 7.65
N LYS D 137 11.41 -7.04 6.41
CA LYS D 137 12.30 -6.01 5.88
C LYS D 137 11.65 -4.64 5.99
N PHE D 138 12.41 -3.65 6.47
CA PHE D 138 11.91 -2.29 6.63
C PHE D 138 10.83 -2.21 7.71
N GLY D 139 10.61 -3.31 8.41
CA GLY D 139 9.56 -3.32 9.42
C GLY D 139 9.91 -2.80 10.80
N MET D 140 11.18 -2.78 11.13
CA MET D 140 11.57 -2.33 12.46
C MET D 140 12.84 -1.48 12.41
N PRO D 141 12.76 -0.22 12.85
CA PRO D 141 13.94 0.65 12.83
C PRO D 141 15.01 0.24 13.84
N ALA D 142 16.23 0.70 13.59
CA ALA D 142 17.38 0.42 14.43
C ALA D 142 17.12 0.65 15.91
N ASP D 143 16.53 1.80 16.25
CA ASP D 143 16.25 2.14 17.64
C ASP D 143 15.44 1.08 18.37
N VAL D 144 14.41 0.57 17.70
CA VAL D 144 13.54 -0.45 18.27
C VAL D 144 14.27 -1.78 18.34
N LYS D 145 14.94 -2.14 17.25
CA LYS D 145 15.68 -3.38 17.21
C LYS D 145 16.73 -3.39 18.31
N ASP D 146 17.44 -2.27 18.48
CA ASP D 146 18.48 -2.21 19.51
C ASP D 146 17.91 -2.43 20.92
N ASN D 147 16.79 -1.78 21.24
CA ASN D 147 16.19 -1.93 22.55
C ASN D 147 15.69 -3.36 22.79
N LEU D 148 15.09 -3.97 21.77
CA LEU D 148 14.60 -5.34 21.89
C LEU D 148 15.78 -6.32 22.05
N THR D 149 16.84 -6.07 21.30
CA THR D 149 18.04 -6.91 21.37
C THR D 149 18.61 -6.85 22.80
N LYS D 150 18.63 -5.65 23.36
CA LYS D 150 19.17 -5.46 24.71
C LYS D 150 18.32 -6.18 25.74
N MET D 151 17.06 -6.45 25.38
CA MET D 151 16.15 -7.16 26.27
C MET D 151 16.46 -8.65 26.23
N GLY D 152 17.11 -9.08 25.15
CA GLY D 152 17.45 -10.48 25.02
C GLY D 152 16.92 -11.16 23.77
N TYR D 153 16.24 -10.40 22.92
CA TYR D 153 15.70 -10.97 21.67
C TYR D 153 16.78 -11.12 20.60
N GLN D 154 16.72 -12.25 19.88
CA GLN D 154 17.63 -12.52 18.78
C GLN D 154 16.77 -12.21 17.55
N ILE D 155 16.91 -10.99 17.04
CA ILE D 155 16.12 -10.54 15.90
C ILE D 155 16.62 -11.09 14.57
N VAL D 156 15.68 -11.56 13.74
CA VAL D 156 16.02 -12.09 12.42
C VAL D 156 15.01 -11.61 11.40
N THR D 157 15.50 -11.16 10.25
CA THR D 157 14.62 -10.67 9.19
C THR D 157 14.38 -11.79 8.20
N LYS D 158 13.12 -12.10 7.96
CA LYS D 158 12.74 -13.16 7.05
C LYS D 158 11.66 -12.69 6.09
N PRO D 159 11.25 -13.54 5.14
CA PRO D 159 10.21 -13.20 4.16
C PRO D 159 8.95 -12.66 4.83
N VAL D 160 8.22 -11.79 4.13
CA VAL D 160 7.01 -11.21 4.68
C VAL D 160 6.05 -12.31 5.14
N MET D 161 5.32 -12.02 6.21
CA MET D 161 4.40 -12.98 6.80
C MET D 161 2.92 -12.77 6.52
N GLY D 162 2.29 -13.77 5.92
CA GLY D 162 0.86 -13.72 5.69
C GLY D 162 0.30 -13.13 4.41
N ASP D 163 -1.02 -13.08 4.39
CA ASP D 163 -1.79 -12.53 3.27
C ASP D 163 -3.19 -12.40 3.84
N VAL D 164 -3.39 -11.32 4.59
CA VAL D 164 -4.66 -11.03 5.23
C VAL D 164 -5.72 -10.43 4.31
N ASN D 165 -6.90 -11.02 4.29
CA ASN D 165 -8.03 -10.48 3.54
C ASN D 165 -9.02 -10.23 4.65
N ALA D 166 -9.23 -8.95 4.95
CA ALA D 166 -10.10 -8.57 6.05
C ALA D 166 -11.18 -7.56 5.69
N ILE D 167 -12.26 -7.60 6.46
CA ILE D 167 -13.40 -6.70 6.29
C ILE D 167 -13.69 -6.02 7.63
N GLN D 168 -13.97 -4.72 7.57
CA GLN D 168 -14.34 -3.99 8.77
C GLN D 168 -15.70 -3.36 8.49
N VAL D 169 -16.64 -3.58 9.40
CA VAL D 169 -17.99 -3.05 9.24
C VAL D 169 -18.19 -1.98 10.29
N LEU D 170 -18.65 -0.82 9.86
CA LEU D 170 -18.90 0.27 10.80
C LEU D 170 -20.34 0.74 10.70
N PRO D 171 -21.02 0.86 11.85
CA PRO D 171 -22.41 1.31 11.87
C PRO D 171 -22.48 2.68 11.23
N LYS D 172 -23.52 2.91 10.43
CA LYS D 172 -23.66 4.20 9.77
C LYS D 172 -25.03 4.78 10.11
N THR D 173 -25.17 6.09 9.92
CA THR D 173 -26.43 6.77 10.20
C THR D 173 -27.64 5.95 9.75
N LYS D 174 -27.56 5.39 8.55
CA LYS D 174 -28.64 4.60 7.99
C LYS D 174 -28.12 3.29 7.43
N GLY D 175 -27.76 2.36 8.31
CA GLY D 175 -27.27 1.06 7.88
C GLY D 175 -25.81 0.85 8.23
N SER D 176 -25.12 0.06 7.42
CA SER D 176 -23.71 -0.24 7.65
C SER D 176 -22.86 -0.03 6.40
N VAL D 177 -21.59 0.27 6.60
CA VAL D 177 -20.65 0.45 5.52
C VAL D 177 -19.61 -0.66 5.68
N PHE D 178 -19.20 -1.27 4.58
CA PHE D 178 -18.23 -2.35 4.63
C PHE D 178 -16.89 -1.92 4.04
N TYR D 179 -15.84 -1.99 4.85
CA TYR D 179 -14.49 -1.63 4.42
C TYR D 179 -13.65 -2.89 4.27
N GLY D 180 -12.95 -3.00 3.14
CA GLY D 180 -12.14 -4.18 2.93
C GLY D 180 -10.70 -3.88 2.60
N SER D 181 -9.85 -4.89 2.79
CA SER D 181 -8.44 -4.72 2.48
C SER D 181 -7.77 -6.05 2.16
N THR D 182 -7.05 -6.06 1.05
CA THR D 182 -6.29 -7.23 0.68
C THR D 182 -4.92 -6.95 1.25
N ASP D 183 -4.02 -7.92 1.20
CA ASP D 183 -2.69 -7.74 1.77
C ASP D 183 -1.67 -7.40 0.67
N PRO D 184 -0.83 -6.39 0.89
CA PRO D 184 0.16 -6.07 -0.14
C PRO D 184 1.10 -7.26 -0.30
N ARG D 185 1.31 -7.99 0.80
CA ARG D 185 2.18 -9.16 0.82
C ARG D 185 1.64 -10.27 -0.08
N LYS D 186 0.33 -10.24 -0.32
CA LYS D 186 -0.33 -11.22 -1.17
C LYS D 186 0.49 -11.47 -2.43
#